data_7EM4
#
_entry.id   7EM4
#
_cell.length_a   109.311
_cell.length_b   185.530
_cell.length_c   105.744
_cell.angle_alpha   90.00
_cell.angle_beta   90.00
_cell.angle_gamma   90.00
#
_symmetry.space_group_name_H-M   'C 2 2 21'
#
loop_
_entity.id
_entity.type
_entity.pdbx_description
1 polymer 'Phosphatidylinositol 5-phosphate 4-kinase type-2 beta'
2 non-polymer "INOSINE-5'-DIPHOSPHATE"
3 non-polymer '[[(2~{R},3~{S},4~{R},5~{R})-3,4-bis(oxidanyl)-5-(6-oxidanylidene-1~{H}-purin-9-yl)oxolan-2-yl]methoxy-oxidanyl-phosphoryl] phosphono hydrogen phosphate'
4 water water
#
_entity_poly.entity_id   1
_entity_poly.type   'polypeptide(L)'
_entity_poly.pdbx_seq_one_letter_code
;GPNCAPGQKVKLFRASEPILSVLMWGVNHTINELSNVPVPVMLMPDDFKAYSKIKVDNHLFNKENLPSRFKFKEYCPMVF
RNLRERFGIDDQDYQNSVTRSAPINSDSQGRCGTRFLTTYDRRFVIKTVSSEDVAEMHNILKKYHQFIVECHGNTLLPQF
LGMYRLTVDGVETYMVVTRNVLSHRLTVHRKYDLKGSTVAREASDKEKAKDLPTFKDNDFLNEGQKLHVGEESKKNFLEK
LKRDVEFLAQLKIMDYSLLVGIHDVDRAEQEEMEVEERAEDEECENDGVGGNLLCSYGTPPDSPGNLLSFPRFFGPGEFD
PSVDVYAMKSHESSPKKEVYFMAIIDILTPYDTKKKAAHAAKTVKHGAGAEISTVNPEQYSKRFNEFMSNILT
;
_entity_poly.pdbx_strand_id   A,B
#
loop_
_chem_comp.id
_chem_comp.type
_chem_comp.name
_chem_comp.formula
CZU non-polymer '[[(2~{R},3~{S},4~{R},5~{R})-3,4-bis(oxidanyl)-5-(6-oxidanylidene-1~{H}-purin-9-yl)oxolan-2-yl]methoxy-oxidanyl-phosphoryl] phosphono hydrogen phosphate' 'C10 H15 N4 O14 P3'
IDP non-polymer INOSINE-5'-DIPHOSPHATE 'C10 H14 N4 O11 P2'
#
# COMPACT_ATOMS: atom_id res chain seq x y z
N VAL A 10 1.13 -12.53 1.84
CA VAL A 10 -0.31 -12.42 1.59
C VAL A 10 -1.04 -12.09 2.90
N LYS A 11 -1.80 -11.00 2.92
CA LYS A 11 -2.31 -10.41 4.15
C LYS A 11 -3.81 -10.16 4.04
N LEU A 12 -4.61 -11.03 4.68
CA LEU A 12 -6.06 -10.93 4.58
C LEU A 12 -6.62 -9.83 5.46
N PHE A 13 -5.89 -9.44 6.50
CA PHE A 13 -6.37 -8.51 7.55
C PHE A 13 -7.64 -8.99 8.22
N ARG A 14 -7.77 -10.30 8.43
CA ARG A 14 -8.92 -10.79 9.20
C ARG A 14 -8.82 -10.27 10.64
N ALA A 15 -9.94 -9.76 11.17
CA ALA A 15 -9.97 -9.31 12.55
C ALA A 15 -11.37 -9.51 13.11
N SER A 16 -11.47 -9.50 14.43
CA SER A 16 -12.78 -9.78 15.04
C SER A 16 -13.78 -8.65 14.78
N GLU A 17 -13.29 -7.44 14.48
CA GLU A 17 -14.13 -6.29 14.23
C GLU A 17 -13.65 -5.57 12.97
N PRO A 18 -14.56 -4.99 12.19
CA PRO A 18 -14.13 -4.27 10.98
C PRO A 18 -13.18 -3.13 11.25
N ILE A 19 -13.22 -2.54 12.43
CA ILE A 19 -12.35 -1.40 12.69
C ILE A 19 -10.91 -1.86 12.80
N LEU A 20 -10.67 -2.99 13.47
CA LEU A 20 -9.31 -3.54 13.54
C LEU A 20 -8.77 -3.89 12.16
N SER A 21 -9.58 -4.61 11.36
CA SER A 21 -9.22 -4.80 9.96
C SER A 21 -8.80 -3.50 9.29
N VAL A 22 -9.58 -2.42 9.52
CA VAL A 22 -9.22 -1.17 8.85
C VAL A 22 -7.90 -0.65 9.40
N LEU A 23 -7.71 -0.77 10.72
CA LEU A 23 -6.45 -0.36 11.34
C LEU A 23 -5.26 -1.12 10.74
N MET A 24 -5.40 -2.42 10.57
CA MET A 24 -4.32 -3.20 9.97
C MET A 24 -4.06 -2.75 8.54
N TRP A 25 -5.13 -2.59 7.76
CA TRP A 25 -4.97 -2.07 6.41
C TRP A 25 -4.25 -0.72 6.42
N GLY A 26 -4.67 0.17 7.33
CA GLY A 26 -4.13 1.52 7.35
C GLY A 26 -2.66 1.56 7.71
N VAL A 27 -2.26 0.82 8.76
CA VAL A 27 -0.85 0.83 9.10
C VAL A 27 -0.03 0.24 7.97
N ASN A 28 -0.51 -0.84 7.35
CA ASN A 28 0.18 -1.41 6.19
C ASN A 28 0.32 -0.39 5.06
N HIS A 29 -0.78 0.30 4.73
CA HIS A 29 -0.78 1.24 3.62
C HIS A 29 0.16 2.41 3.87
N THR A 30 0.10 2.98 5.06
CA THR A 30 0.90 4.18 5.28
C THR A 30 2.37 3.84 5.41
N ILE A 31 2.69 2.68 6.02
CA ILE A 31 4.11 2.31 6.12
C ILE A 31 4.69 2.03 4.73
N ASN A 32 3.94 1.31 3.88
CA ASN A 32 4.46 1.08 2.53
C ASN A 32 4.54 2.37 1.73
N GLU A 33 3.52 3.25 1.84
CA GLU A 33 3.68 4.56 1.24
C GLU A 33 4.95 5.23 1.73
N LEU A 34 5.16 5.23 3.04
CA LEU A 34 6.29 5.93 3.63
C LEU A 34 7.60 5.39 3.11
N SER A 35 7.63 4.10 2.72
CA SER A 35 8.89 3.56 2.23
C SER A 35 9.30 4.14 0.89
N ASN A 36 8.37 4.74 0.15
CA ASN A 36 8.65 5.43 -1.11
C ASN A 36 8.98 6.91 -0.91
N VAL A 37 9.02 7.39 0.31
CA VAL A 37 9.30 8.78 0.65
C VAL A 37 10.68 8.84 1.29
N PRO A 38 11.64 9.57 0.71
CA PRO A 38 12.99 9.59 1.27
C PRO A 38 12.99 10.13 2.70
N VAL A 39 14.03 9.75 3.44
CA VAL A 39 14.17 10.12 4.84
C VAL A 39 14.87 11.48 4.90
N PRO A 40 14.20 12.52 5.38
CA PRO A 40 14.76 13.87 5.26
C PRO A 40 15.97 14.09 6.15
N VAL A 41 16.79 15.05 5.73
CA VAL A 41 17.91 15.49 6.55
C VAL A 41 17.40 15.94 7.91
N MET A 42 16.63 17.00 7.92
CA MET A 42 15.97 17.53 9.11
C MET A 42 14.46 17.28 8.97
N LEU A 43 13.72 17.63 10.01
CA LEU A 43 12.28 17.83 9.86
C LEU A 43 12.02 19.31 9.60
N MET A 44 11.02 19.61 8.76
CA MET A 44 10.58 20.98 8.55
C MET A 44 9.33 21.25 9.39
N PRO A 45 9.02 22.53 9.66
CA PRO A 45 7.80 22.84 10.44
C PRO A 45 6.50 22.36 9.82
N ASP A 46 6.36 22.42 8.49
CA ASP A 46 5.20 21.87 7.81
C ASP A 46 4.89 20.45 8.27
N ASP A 47 5.94 19.66 8.56
CA ASP A 47 5.80 18.26 8.93
C ASP A 47 4.98 18.06 10.20
N PHE A 48 4.85 19.11 11.02
CA PHE A 48 4.13 19.06 12.29
C PHE A 48 2.68 19.52 12.18
N LYS A 49 2.30 20.02 11.00
CA LYS A 49 0.90 20.26 10.67
C LYS A 49 0.43 19.33 9.55
N ALA A 50 1.27 18.40 9.09
CA ALA A 50 0.92 17.59 7.93
C ALA A 50 0.02 16.41 8.33
N TYR A 51 -0.64 15.84 7.33
CA TYR A 51 -1.48 14.66 7.53
C TYR A 51 -1.63 13.96 6.19
N SER A 52 -1.94 12.66 6.24
CA SER A 52 -2.28 11.89 5.04
C SER A 52 -3.68 11.30 5.18
N LYS A 53 -4.51 11.52 4.18
CA LYS A 53 -5.87 11.00 4.18
C LYS A 53 -6.01 10.02 3.02
N ILE A 54 -6.83 8.99 3.23
CA ILE A 54 -7.17 8.03 2.20
C ILE A 54 -8.64 7.68 2.37
N LYS A 55 -9.40 7.65 1.27
CA LYS A 55 -10.83 7.34 1.32
C LYS A 55 -11.12 6.25 0.31
N VAL A 56 -11.61 5.11 0.79
CA VAL A 56 -11.81 3.91 -0.01
C VAL A 56 -13.31 3.65 -0.13
N ASP A 57 -13.77 3.45 -1.38
CA ASP A 57 -15.14 3.01 -1.69
C ASP A 57 -14.96 1.93 -2.77
N ASN A 58 -14.76 0.69 -2.35
CA ASN A 58 -14.80 -0.43 -3.27
C ASN A 58 -16.24 -0.85 -3.51
N HIS A 59 -16.45 -1.67 -4.54
CA HIS A 59 -17.78 -2.12 -4.91
C HIS A 59 -17.68 -3.52 -5.48
N LEU A 60 -18.34 -4.49 -4.83
CA LEU A 60 -18.27 -5.92 -5.18
C LEU A 60 -16.82 -6.43 -5.26
N PHE A 61 -15.91 -5.77 -4.56
CA PHE A 61 -14.51 -6.10 -4.68
C PHE A 61 -13.86 -6.06 -3.31
N ASN A 62 -13.15 -7.13 -2.98
CA ASN A 62 -12.31 -7.21 -1.79
C ASN A 62 -13.06 -6.82 -0.52
N LYS A 63 -14.19 -7.50 -0.26
CA LYS A 63 -15.01 -7.19 0.89
C LYS A 63 -15.13 -8.37 1.85
N GLU A 64 -14.28 -9.40 1.69
CA GLU A 64 -14.21 -10.51 2.64
C GLU A 64 -13.85 -10.03 4.05
N ASN A 65 -12.83 -9.20 4.15
CA ASN A 65 -12.40 -8.79 5.47
C ASN A 65 -12.57 -7.30 5.71
N LEU A 66 -12.23 -6.46 4.74
CA LEU A 66 -12.43 -5.04 4.96
C LEU A 66 -13.86 -4.64 4.61
N PRO A 67 -14.31 -3.51 5.14
CA PRO A 67 -15.53 -2.89 4.62
C PRO A 67 -15.28 -2.32 3.24
N SER A 68 -16.35 -2.29 2.42
CA SER A 68 -16.30 -1.64 1.12
C SER A 68 -15.91 -0.17 1.22
N ARG A 69 -16.36 0.51 2.28
CA ARG A 69 -16.19 1.94 2.43
C ARG A 69 -15.55 2.22 3.78
N PHE A 70 -14.38 2.86 3.77
CA PHE A 70 -13.79 3.38 4.99
C PHE A 70 -12.81 4.52 4.68
N LYS A 71 -12.40 5.23 5.74
CA LYS A 71 -11.37 6.25 5.61
C LYS A 71 -10.22 6.02 6.60
N PHE A 72 -9.05 6.54 6.25
CA PHE A 72 -7.89 6.43 7.12
C PHE A 72 -7.05 7.70 7.06
N LYS A 73 -6.72 8.25 8.23
CA LYS A 73 -5.94 9.48 8.33
C LYS A 73 -4.75 9.21 9.23
N GLU A 74 -3.56 9.68 8.83
CA GLU A 74 -2.37 9.55 9.68
C GLU A 74 -1.77 10.92 9.94
N TYR A 75 -1.57 11.24 11.22
CA TYR A 75 -1.11 12.55 11.64
C TYR A 75 0.42 12.65 11.60
N CYS A 76 0.94 13.78 11.15
CA CYS A 76 2.39 14.01 11.11
C CYS A 76 3.20 12.76 10.82
N PRO A 77 2.96 12.09 9.68
CA PRO A 77 3.63 10.80 9.48
C PRO A 77 5.15 10.87 9.45
N MET A 78 5.73 11.95 8.91
CA MET A 78 7.17 12.09 8.89
C MET A 78 7.73 12.20 10.29
N VAL A 79 7.01 12.92 11.17
CA VAL A 79 7.45 13.10 12.55
C VAL A 79 7.44 11.78 13.31
N PHE A 80 6.37 11.00 13.16
CA PHE A 80 6.32 9.73 13.86
C PHE A 80 7.26 8.71 13.24
N ARG A 81 7.53 8.81 11.94
CA ARG A 81 8.56 7.94 11.37
C ARG A 81 9.90 8.23 12.00
N ASN A 82 10.22 9.52 12.12
CA ASN A 82 11.45 9.91 12.79
C ASN A 82 11.47 9.39 14.22
N LEU A 83 10.34 9.51 14.91
CA LEU A 83 10.27 9.05 16.30
C LEU A 83 10.53 7.55 16.38
N ARG A 84 9.84 6.78 15.53
CA ARG A 84 10.11 5.36 15.45
C ARG A 84 11.63 5.12 15.36
N GLU A 85 12.28 5.78 14.41
CA GLU A 85 13.70 5.57 14.23
C GLU A 85 14.49 5.91 15.49
N ARG A 86 14.07 6.99 16.18
CA ARG A 86 14.78 7.46 17.35
C ARG A 86 14.55 6.58 18.58
N PHE A 87 13.49 5.77 18.57
CA PHE A 87 13.22 4.77 19.59
C PHE A 87 13.71 3.40 19.18
N GLY A 88 14.55 3.30 18.16
CA GLY A 88 15.13 2.03 17.78
C GLY A 88 14.18 1.05 17.13
N ILE A 89 13.05 1.52 16.59
CA ILE A 89 12.04 0.65 16.02
C ILE A 89 12.07 0.74 14.50
N ASP A 90 12.30 -0.40 13.84
CA ASP A 90 12.18 -0.50 12.40
C ASP A 90 10.72 -0.35 11.94
N ASP A 91 10.53 0.37 10.84
CA ASP A 91 9.20 0.51 10.26
C ASP A 91 8.64 -0.83 9.81
N GLN A 92 9.45 -1.60 9.08
CA GLN A 92 9.09 -2.97 8.70
C GLN A 92 8.59 -3.78 9.88
N ASP A 93 9.31 -3.71 11.01
CA ASP A 93 8.86 -4.44 12.20
C ASP A 93 7.55 -3.89 12.73
N TYR A 94 7.40 -2.57 12.71
CA TYR A 94 6.20 -1.97 13.26
C TYR A 94 4.98 -2.39 12.44
N GLN A 95 5.11 -2.38 11.11
CA GLN A 95 4.00 -2.81 10.29
C GLN A 95 3.76 -4.31 10.45
N ASN A 96 4.81 -5.11 10.66
CA ASN A 96 4.53 -6.54 10.81
C ASN A 96 3.80 -6.81 12.13
N SER A 97 4.20 -6.13 13.21
CA SER A 97 3.49 -6.32 14.47
C SER A 97 2.03 -5.91 14.35
N VAL A 98 1.71 -4.94 13.51
CA VAL A 98 0.30 -4.60 13.40
C VAL A 98 -0.42 -5.52 12.41
N THR A 99 0.23 -5.94 11.33
CA THR A 99 -0.51 -6.55 10.23
C THR A 99 -0.43 -8.08 10.18
N ARG A 100 0.58 -8.72 10.77
CA ARG A 100 0.68 -10.17 10.60
C ARG A 100 -0.54 -10.87 11.19
N SER A 101 -1.04 -10.39 12.32
CA SER A 101 -2.22 -10.97 12.93
C SER A 101 -2.97 -9.88 13.67
N ALA A 102 -4.30 -10.02 13.77
CA ALA A 102 -5.13 -8.98 14.37
C ALA A 102 -4.66 -8.67 15.80
N PRO A 103 -4.62 -7.39 16.18
CA PRO A 103 -4.38 -7.02 17.58
C PRO A 103 -5.46 -7.56 18.48
N ILE A 104 -5.16 -7.62 19.79
CA ILE A 104 -6.05 -8.24 20.75
C ILE A 104 -6.37 -7.25 21.88
N ASN A 105 -7.16 -7.72 22.86
CA ASN A 105 -7.68 -6.87 23.94
C ASN A 105 -6.86 -6.98 25.22
N ARG A 115 -10.56 2.42 25.30
CA ARG A 115 -10.33 1.05 24.86
C ARG A 115 -8.87 0.78 24.44
N PHE A 116 -8.34 -0.36 24.90
CA PHE A 116 -6.95 -0.72 24.74
C PHE A 116 -6.82 -1.98 23.91
N LEU A 117 -5.85 -1.98 23.03
CA LEU A 117 -5.45 -3.15 22.31
C LEU A 117 -3.94 -3.31 22.41
N THR A 118 -3.49 -4.49 22.04
CA THR A 118 -2.08 -4.81 21.96
C THR A 118 -1.88 -5.54 20.64
N THR A 119 -0.72 -5.35 20.04
CA THR A 119 -0.41 -6.16 18.87
C THR A 119 -0.22 -7.61 19.30
N TYR A 120 -0.39 -8.52 18.33
CA TYR A 120 -0.42 -9.95 18.65
C TYR A 120 0.84 -10.36 19.37
N ASP A 121 1.98 -9.82 18.93
CA ASP A 121 3.26 -10.14 19.53
C ASP A 121 3.53 -9.36 20.82
N ARG A 122 2.55 -8.55 21.28
CA ARG A 122 2.57 -7.84 22.56
C ARG A 122 3.63 -6.73 22.62
N ARG A 123 4.12 -6.31 21.46
CA ARG A 123 5.18 -5.29 21.45
C ARG A 123 4.64 -3.88 21.55
N PHE A 124 3.50 -3.58 20.94
CA PHE A 124 2.98 -2.23 20.87
C PHE A 124 1.56 -2.19 21.42
N VAL A 125 1.17 -1.01 21.92
CA VAL A 125 -0.11 -0.78 22.56
C VAL A 125 -0.85 0.28 21.76
N ILE A 126 -2.14 0.05 21.55
CA ILE A 126 -2.98 0.90 20.70
C ILE A 126 -4.12 1.40 21.57
N LYS A 127 -4.16 2.71 21.80
CA LYS A 127 -5.20 3.27 22.66
C LYS A 127 -6.14 4.10 21.82
N THR A 128 -7.42 3.78 21.90
CA THR A 128 -8.45 4.68 21.43
C THR A 128 -8.45 5.92 22.32
N VAL A 129 -8.39 7.08 21.70
CA VAL A 129 -8.29 8.36 22.39
C VAL A 129 -9.33 9.32 21.83
N SER A 130 -9.33 10.52 22.37
CA SER A 130 -10.31 11.53 22.02
C SER A 130 -9.76 12.52 21.01
N SER A 131 -10.67 13.28 20.41
CA SER A 131 -10.28 14.40 19.55
C SER A 131 -9.49 15.44 20.33
N GLU A 132 -9.85 15.68 21.59
CA GLU A 132 -9.04 16.60 22.40
C GLU A 132 -7.64 16.03 22.63
N ASP A 133 -7.54 14.71 22.79
CA ASP A 133 -6.22 14.11 22.97
C ASP A 133 -5.36 14.34 21.73
N VAL A 134 -5.93 14.14 20.54
CA VAL A 134 -5.22 14.39 19.29
C VAL A 134 -4.79 15.86 19.21
N ALA A 135 -5.67 16.79 19.61
CA ALA A 135 -5.29 18.21 19.59
C ALA A 135 -4.13 18.49 20.55
N GLU A 136 -4.15 17.87 21.73
CA GLU A 136 -3.07 18.06 22.71
C GLU A 136 -1.76 17.50 22.20
N MET A 137 -1.81 16.30 21.61
CA MET A 137 -0.63 15.74 20.97
C MET A 137 -0.08 16.69 19.92
N HIS A 138 -0.96 17.31 19.12
CA HIS A 138 -0.50 18.30 18.15
C HIS A 138 0.22 19.46 18.83
N ASN A 139 -0.40 20.01 19.87
CA ASN A 139 0.19 21.21 20.43
C ASN A 139 1.48 20.93 21.17
N ILE A 140 1.74 19.67 21.56
CA ILE A 140 2.98 19.37 22.28
C ILE A 140 4.02 18.64 21.42
N LEU A 141 3.68 18.25 20.18
CA LEU A 141 4.53 17.32 19.43
C LEU A 141 5.94 17.83 19.22
N LYS A 142 6.09 19.13 18.94
CA LYS A 142 7.41 19.64 18.53
C LYS A 142 8.36 19.70 19.72
N LYS A 143 7.85 20.11 20.88
CA LYS A 143 8.65 20.03 22.10
C LYS A 143 8.89 18.58 22.51
N TYR A 144 7.94 17.70 22.26
CA TYR A 144 8.15 16.29 22.56
C TYR A 144 9.30 15.74 21.72
N HIS A 145 9.29 16.06 20.42
CA HIS A 145 10.31 15.55 19.53
C HIS A 145 11.68 16.10 19.88
N GLN A 146 11.75 17.41 20.20
CA GLN A 146 13.03 17.95 20.65
C GLN A 146 13.50 17.31 21.95
N PHE A 147 12.57 17.01 22.86
CA PHE A 147 12.95 16.35 24.11
C PHE A 147 13.54 14.97 23.84
N ILE A 148 12.88 14.20 22.97
CA ILE A 148 13.37 12.87 22.60
C ILE A 148 14.75 12.98 21.94
N VAL A 149 14.94 14.01 21.11
CA VAL A 149 16.22 14.20 20.43
C VAL A 149 17.33 14.47 21.45
N GLU A 150 17.11 15.42 22.35
CA GLU A 150 18.15 15.85 23.28
C GLU A 150 18.28 14.94 24.50
N CYS A 151 17.45 13.91 24.64
CA CYS A 151 17.70 12.88 25.63
C CYS A 151 17.99 11.53 24.98
N HIS A 152 18.08 11.48 23.64
CA HIS A 152 18.43 10.27 22.91
C HIS A 152 17.43 9.14 23.17
N GLY A 153 16.17 9.49 23.33
CA GLY A 153 15.17 8.48 23.58
C GLY A 153 15.22 7.81 24.93
N ASN A 154 15.99 8.35 25.88
CA ASN A 154 16.13 7.80 27.23
C ASN A 154 15.23 8.59 28.17
N THR A 155 14.04 8.04 28.41
CA THR A 155 12.92 8.75 29.02
C THR A 155 11.91 7.70 29.46
N LEU A 156 11.24 7.97 30.57
CA LEU A 156 10.15 7.13 31.01
C LEU A 156 8.82 7.52 30.39
N LEU A 157 8.80 8.62 29.61
CA LEU A 157 7.60 9.13 28.99
C LEU A 157 7.09 8.11 28.00
N PRO A 158 5.87 8.25 27.51
CA PRO A 158 5.42 7.37 26.43
C PRO A 158 6.27 7.58 25.20
N GLN A 159 6.56 6.49 24.49
CA GLN A 159 7.23 6.57 23.19
C GLN A 159 6.15 6.50 22.11
N PHE A 160 5.74 7.66 21.59
CA PHE A 160 4.65 7.71 20.61
C PHE A 160 5.17 7.31 19.23
N LEU A 161 4.53 6.30 18.63
CA LEU A 161 4.94 5.73 17.36
C LEU A 161 4.00 6.05 16.19
N GLY A 162 2.72 6.28 16.47
CA GLY A 162 1.78 6.67 15.43
C GLY A 162 0.55 7.28 16.04
N MET A 163 -0.19 8.01 15.20
CA MET A 163 -1.49 8.55 15.58
C MET A 163 -2.37 8.59 14.33
N TYR A 164 -3.58 8.03 14.45
CA TYR A 164 -4.45 7.74 13.31
C TYR A 164 -5.89 8.14 13.62
N ARG A 165 -6.65 8.37 12.55
CA ARG A 165 -8.09 8.53 12.65
C ARG A 165 -8.71 7.58 11.63
N LEU A 166 -9.52 6.64 12.11
CA LEU A 166 -10.22 5.68 11.27
C LEU A 166 -11.68 6.10 11.12
N THR A 167 -12.25 5.82 9.95
CA THR A 167 -13.67 6.07 9.76
C THR A 167 -14.31 4.81 9.20
N VAL A 168 -15.20 4.23 10.01
CA VAL A 168 -15.92 2.99 9.75
C VAL A 168 -17.39 3.26 10.02
N ASP A 169 -18.25 3.03 9.02
CA ASP A 169 -19.67 3.30 9.15
C ASP A 169 -19.94 4.75 9.55
N GLY A 170 -19.24 5.68 8.88
CA GLY A 170 -19.43 7.08 9.17
C GLY A 170 -19.00 7.54 10.54
N VAL A 171 -18.21 6.75 11.28
CA VAL A 171 -17.82 7.06 12.65
C VAL A 171 -16.31 7.19 12.75
N GLU A 172 -15.83 8.28 13.35
CA GLU A 172 -14.40 8.50 13.51
C GLU A 172 -13.92 7.92 14.83
N THR A 173 -12.72 7.34 14.82
CA THR A 173 -12.08 6.74 15.99
C THR A 173 -10.62 7.12 15.98
N TYR A 174 -10.15 7.76 17.05
CA TYR A 174 -8.78 8.23 17.16
C TYR A 174 -7.93 7.19 17.89
N MET A 175 -6.73 6.92 17.36
CA MET A 175 -5.87 5.91 17.97
C MET A 175 -4.42 6.39 18.05
N VAL A 176 -3.82 6.20 19.22
CA VAL A 176 -2.42 6.47 19.47
C VAL A 176 -1.66 5.17 19.72
N VAL A 177 -0.61 4.91 18.92
CA VAL A 177 0.25 3.73 19.09
C VAL A 177 1.47 4.13 19.94
N THR A 178 1.78 3.29 20.95
CA THR A 178 2.94 3.48 21.83
C THR A 178 3.62 2.15 22.04
N ARG A 179 4.89 2.18 22.40
CA ARG A 179 5.54 0.94 22.79
C ARG A 179 5.13 0.54 24.22
N ASN A 180 5.06 -0.77 24.44
CA ASN A 180 4.61 -1.35 25.70
C ASN A 180 5.56 -1.04 26.84
N VAL A 181 5.00 -0.54 27.95
CA VAL A 181 5.76 -0.46 29.18
C VAL A 181 6.12 -1.85 29.65
N LEU A 182 5.27 -2.81 29.36
CA LEU A 182 5.43 -4.18 29.82
C LEU A 182 6.21 -4.96 28.78
N SER A 183 6.81 -6.05 29.24
CA SER A 183 7.59 -6.91 28.36
C SER A 183 6.65 -7.59 27.36
N HIS A 184 7.20 -7.90 26.18
CA HIS A 184 6.44 -8.72 25.25
C HIS A 184 6.54 -10.22 25.53
N ARG A 185 7.41 -10.65 26.45
CA ARG A 185 7.56 -12.06 26.79
C ARG A 185 7.25 -12.36 28.25
N LEU A 186 7.84 -11.65 29.19
CA LEU A 186 7.73 -11.97 30.60
C LEU A 186 6.34 -11.60 31.12
N THR A 187 5.61 -12.61 31.57
CA THR A 187 4.36 -12.40 32.29
C THR A 187 4.48 -11.33 33.37
N VAL A 188 3.42 -10.55 33.56
CA VAL A 188 3.35 -9.56 34.65
C VAL A 188 2.36 -10.07 35.68
N HIS A 189 2.83 -10.22 36.93
CA HIS A 189 2.01 -10.79 37.99
C HIS A 189 1.40 -9.73 38.93
N ARG A 190 1.96 -8.53 39.00
CA ARG A 190 1.26 -7.44 39.68
C ARG A 190 1.44 -6.16 38.87
N LYS A 191 0.44 -5.28 38.92
CA LYS A 191 0.63 -3.95 38.38
C LYS A 191 0.00 -2.90 39.28
N TYR A 192 0.63 -1.73 39.32
CA TYR A 192 0.15 -0.57 40.05
C TYR A 192 0.10 0.62 39.10
N ASP A 193 -0.92 1.45 39.29
CA ASP A 193 -1.05 2.76 38.66
C ASP A 193 -0.93 3.84 39.74
N LEU A 194 0.22 4.49 39.83
CA LEU A 194 0.50 5.45 40.89
C LEU A 194 0.51 6.86 40.33
N LYS A 195 -0.17 7.79 41.02
CA LYS A 195 -0.18 9.18 40.58
C LYS A 195 0.43 10.13 41.61
N GLY A 196 0.87 9.62 42.76
CA GLY A 196 1.40 10.47 43.81
C GLY A 196 0.40 11.36 44.48
N SER A 197 -0.89 11.20 44.19
CA SER A 197 -1.88 12.15 44.67
C SER A 197 -1.96 12.09 46.18
N THR A 198 -2.25 13.24 46.79
CA THR A 198 -2.65 13.27 48.19
C THR A 198 -3.93 12.48 48.43
N VAL A 199 -4.84 12.44 47.44
CA VAL A 199 -6.15 11.84 47.62
C VAL A 199 -6.03 10.32 47.67
N ALA A 200 -7.10 9.67 48.14
CA ALA A 200 -7.12 8.22 48.32
C ALA A 200 -7.42 7.55 46.98
N ARG A 201 -6.36 7.19 46.26
CA ARG A 201 -6.48 6.34 45.09
C ARG A 201 -6.45 4.89 45.55
N GLU A 202 -7.55 4.17 45.34
CA GLU A 202 -7.62 2.77 45.71
C GLU A 202 -8.43 2.02 44.67
N ALA A 203 -8.06 0.76 44.43
CA ALA A 203 -8.73 -0.05 43.42
C ALA A 203 -10.03 -0.62 43.96
N SER A 204 -11.06 -0.55 43.14
CA SER A 204 -12.41 -0.95 43.52
C SER A 204 -12.45 -2.44 43.86
N ASP A 205 -13.51 -2.84 44.56
CA ASP A 205 -13.80 -4.26 44.72
C ASP A 205 -13.89 -4.93 43.36
N LYS A 206 -14.55 -4.25 42.41
CA LYS A 206 -14.61 -4.74 41.04
C LYS A 206 -13.21 -4.92 40.46
N GLU A 207 -12.40 -3.85 40.49
CA GLU A 207 -11.04 -3.96 40.00
C GLU A 207 -10.29 -5.08 40.72
N LYS A 208 -10.28 -5.04 42.06
CA LYS A 208 -9.54 -6.02 42.86
C LYS A 208 -10.06 -7.44 42.67
N ALA A 209 -11.17 -7.63 41.97
CA ALA A 209 -11.68 -8.95 41.63
C ALA A 209 -11.31 -9.40 40.21
N LYS A 210 -10.65 -8.55 39.42
CA LYS A 210 -10.19 -8.98 38.11
C LYS A 210 -9.10 -10.04 38.24
N ASP A 211 -8.57 -10.50 37.12
CA ASP A 211 -7.48 -11.47 37.17
C ASP A 211 -6.16 -10.78 37.45
N LEU A 212 -5.76 -9.85 36.57
CA LEU A 212 -4.65 -8.96 36.83
C LEU A 212 -5.20 -7.58 37.18
N PRO A 213 -5.57 -7.36 38.42
CA PRO A 213 -6.15 -6.07 38.80
C PRO A 213 -5.11 -4.97 38.70
N THR A 214 -5.56 -3.80 38.34
CA THR A 214 -4.67 -2.66 38.24
C THR A 214 -4.80 -1.86 39.53
N PHE A 215 -3.81 -2.05 40.42
CA PHE A 215 -3.85 -1.42 41.74
C PHE A 215 -3.37 0.00 41.67
N LYS A 216 -3.77 0.79 42.66
CA LYS A 216 -3.50 2.21 42.70
C LYS A 216 -2.62 2.52 43.92
N ASP A 217 -2.54 3.80 44.28
CA ASP A 217 -1.52 4.25 45.23
C ASP A 217 -1.69 3.59 46.59
N ASN A 218 -2.83 3.80 47.25
CA ASN A 218 -2.96 3.31 48.60
C ASN A 218 -2.93 1.79 48.66
N ASP A 219 -3.40 1.11 47.61
CA ASP A 219 -3.18 -0.34 47.54
C ASP A 219 -1.69 -0.66 47.59
N PHE A 220 -0.87 0.15 46.93
CA PHE A 220 0.57 -0.06 46.97
C PHE A 220 1.11 0.15 48.37
N LEU A 221 0.58 1.15 49.09
CA LEU A 221 1.15 1.47 50.40
C LEU A 221 0.70 0.48 51.47
N ASN A 222 -0.57 0.06 51.44
CA ASN A 222 -1.09 -0.85 52.43
C ASN A 222 -0.43 -2.23 52.32
N GLU A 223 0.06 -2.58 51.13
CA GLU A 223 0.82 -3.82 50.95
C GLU A 223 2.27 -3.68 51.35
N GLY A 224 2.72 -2.45 51.65
CA GLY A 224 4.11 -2.23 51.99
C GLY A 224 5.06 -2.70 50.92
N GLN A 225 4.65 -2.57 49.65
CA GLN A 225 5.50 -2.97 48.54
C GLN A 225 6.65 -2.00 48.40
N LYS A 226 7.85 -2.53 48.24
CA LYS A 226 9.04 -1.77 47.89
C LYS A 226 9.81 -2.58 46.86
N LEU A 227 10.60 -1.88 46.05
CA LEU A 227 11.28 -2.51 44.92
C LEU A 227 12.78 -2.32 45.07
N HIS A 228 13.53 -3.41 45.10
CA HIS A 228 14.98 -3.36 45.29
C HIS A 228 15.65 -3.53 43.93
N VAL A 229 16.11 -2.42 43.36
CA VAL A 229 16.72 -2.43 42.04
C VAL A 229 18.23 -2.30 42.07
N GLY A 230 18.82 -1.92 43.20
CA GLY A 230 20.23 -1.62 43.23
C GLY A 230 20.48 -0.16 42.97
N GLU A 231 21.70 0.28 43.26
CA GLU A 231 22.00 1.71 43.16
C GLU A 231 21.99 2.18 41.71
N GLU A 232 22.75 1.51 40.84
CA GLU A 232 23.00 2.04 39.51
C GLU A 232 21.70 2.32 38.76
N SER A 233 20.81 1.32 38.68
CA SER A 233 19.58 1.51 37.91
C SER A 233 18.55 2.30 38.70
N LYS A 234 18.61 2.30 40.02
CA LYS A 234 17.80 3.24 40.78
C LYS A 234 18.09 4.67 40.35
N LYS A 235 19.37 5.04 40.29
CA LYS A 235 19.72 6.42 40.04
C LYS A 235 19.50 6.78 38.59
N ASN A 236 19.77 5.85 37.66
CA ASN A 236 19.36 6.10 36.29
C ASN A 236 17.86 6.40 36.22
N PHE A 237 17.05 5.61 36.94
CA PHE A 237 15.61 5.81 36.92
C PHE A 237 15.24 7.19 37.47
N LEU A 238 15.75 7.55 38.66
CA LEU A 238 15.40 8.84 39.28
C LEU A 238 15.87 10.04 38.46
N GLU A 239 17.01 9.93 37.79
CA GLU A 239 17.43 11.00 36.89
C GLU A 239 16.51 11.11 35.68
N LYS A 240 16.18 9.98 35.06
CA LYS A 240 15.21 9.97 33.97
C LYS A 240 13.92 10.63 34.41
N LEU A 241 13.42 10.26 35.59
CA LEU A 241 12.11 10.71 36.04
C LEU A 241 12.12 12.20 36.36
N LYS A 242 13.19 12.70 37.01
CA LYS A 242 13.32 14.15 37.23
C LYS A 242 13.21 14.93 35.92
N ARG A 243 13.99 14.50 34.91
CA ARG A 243 13.95 15.17 33.62
C ARG A 243 12.54 15.11 33.02
N ASP A 244 11.94 13.92 33.02
CA ASP A 244 10.66 13.72 32.35
C ASP A 244 9.57 14.58 32.96
N VAL A 245 9.45 14.54 34.29
CA VAL A 245 8.32 15.23 34.87
C VAL A 245 8.57 16.75 34.93
N GLU A 246 9.83 17.21 34.97
CA GLU A 246 10.09 18.63 34.71
C GLU A 246 9.54 19.05 33.35
N PHE A 247 9.85 18.23 32.33
CA PHE A 247 9.33 18.47 30.98
C PHE A 247 7.81 18.55 30.97
N LEU A 248 7.15 17.56 31.58
CA LEU A 248 5.69 17.55 31.61
C LEU A 248 5.12 18.80 32.26
N ALA A 249 5.66 19.16 33.44
CA ALA A 249 5.16 20.34 34.15
C ALA A 249 5.32 21.60 33.33
N GLN A 250 6.46 21.75 32.64
CA GLN A 250 6.62 22.92 31.78
C GLN A 250 5.63 22.93 30.62
N LEU A 251 4.74 21.94 30.52
CA LEU A 251 3.71 21.92 29.49
C LEU A 251 2.29 21.99 30.02
N LYS A 252 2.10 22.12 31.34
CA LYS A 252 0.77 22.23 31.95
C LYS A 252 -0.03 20.95 31.73
N ILE A 253 0.66 19.82 31.90
CA ILE A 253 0.11 18.48 31.69
C ILE A 253 -0.04 17.82 33.06
N MET A 254 -1.18 17.15 33.28
CA MET A 254 -1.36 16.42 34.55
C MET A 254 -2.16 15.14 34.30
N ASP A 255 -2.57 14.51 35.41
CA ASP A 255 -3.30 13.25 35.47
C ASP A 255 -2.48 12.06 34.99
N TYR A 256 -1.19 12.22 34.72
CA TYR A 256 -0.37 11.11 34.28
C TYR A 256 0.01 10.23 35.45
N SER A 257 0.25 8.95 35.14
CA SER A 257 0.60 7.99 36.17
C SER A 257 1.95 7.36 35.89
N LEU A 258 2.54 6.81 36.94
CA LEU A 258 3.59 5.81 36.83
C LEU A 258 2.93 4.43 36.79
N LEU A 259 3.21 3.67 35.75
CA LEU A 259 2.82 2.28 35.65
C LEU A 259 4.00 1.43 36.10
N VAL A 260 3.76 0.57 37.10
CA VAL A 260 4.77 -0.40 37.53
C VAL A 260 4.17 -1.79 37.41
N GLY A 261 4.81 -2.65 36.62
CA GLY A 261 4.49 -4.06 36.58
C GLY A 261 5.60 -4.87 37.23
N ILE A 262 5.23 -5.87 38.04
CA ILE A 262 6.17 -6.77 38.71
C ILE A 262 6.02 -8.16 38.11
N HIS A 263 7.16 -8.73 37.68
CA HIS A 263 7.28 -10.10 37.21
C HIS A 263 8.02 -10.90 38.27
N ASP A 264 7.42 -12.02 38.69
CA ASP A 264 8.00 -12.92 39.67
C ASP A 264 8.66 -14.07 38.90
N VAL A 265 9.99 -14.05 38.87
CA VAL A 265 10.76 -15.02 38.07
C VAL A 265 10.43 -16.44 38.50
N ASP A 266 10.43 -16.70 39.80
CA ASP A 266 10.18 -18.05 40.30
C ASP A 266 8.78 -18.50 39.94
N ARG A 267 7.79 -17.59 40.05
CA ARG A 267 6.42 -17.96 39.68
C ARG A 267 6.32 -18.28 38.20
N ALA A 268 6.98 -17.47 37.36
CA ALA A 268 7.03 -17.75 35.93
C ALA A 268 7.65 -19.10 35.66
N GLU A 269 8.71 -19.46 36.38
CA GLU A 269 9.32 -20.77 36.22
C GLU A 269 8.32 -21.86 36.50
N GLN A 270 7.55 -21.70 37.58
CA GLN A 270 6.58 -22.72 37.95
C GLN A 270 5.47 -22.82 36.91
N GLU A 271 4.88 -21.69 36.53
CA GLU A 271 3.82 -21.67 35.52
C GLU A 271 4.30 -22.26 34.19
N GLU A 272 5.47 -21.86 33.73
CA GLU A 272 5.99 -22.41 32.48
C GLU A 272 6.23 -23.91 32.60
N MET A 273 6.68 -24.38 33.77
CA MET A 273 6.85 -25.80 33.95
C MET A 273 5.51 -26.54 34.01
N GLU A 274 4.48 -25.89 34.57
CA GLU A 274 3.14 -26.50 34.59
C GLU A 274 2.54 -26.56 33.20
N VAL A 275 2.91 -25.61 32.34
CA VAL A 275 2.55 -25.69 30.93
C VAL A 275 3.27 -26.85 30.25
N GLU A 276 4.59 -26.95 30.47
CA GLU A 276 5.36 -28.04 29.86
C GLU A 276 4.91 -29.40 30.36
N GLU A 277 4.43 -29.47 31.61
CA GLU A 277 4.00 -30.74 32.21
C GLU A 277 2.71 -31.23 31.60
N ARG A 278 1.87 -30.31 31.09
CA ARG A 278 0.60 -30.55 30.43
C ARG A 278 0.75 -31.22 29.09
N ALA A 279 1.96 -31.67 28.78
CA ALA A 279 2.24 -32.53 27.62
C ALA A 279 2.90 -33.85 28.09
N GLY A 315 17.40 -16.68 29.16
CA GLY A 315 17.47 -17.17 30.52
C GLY A 315 16.19 -16.98 31.33
N PRO A 316 16.18 -17.47 32.57
CA PRO A 316 15.02 -17.23 33.44
C PRO A 316 15.13 -15.88 34.11
N GLY A 317 14.07 -15.06 34.02
CA GLY A 317 14.15 -13.71 34.54
C GLY A 317 15.15 -12.83 33.83
N GLU A 318 15.45 -13.14 32.57
CA GLU A 318 16.39 -12.37 31.77
C GLU A 318 15.64 -11.73 30.61
N PHE A 319 15.96 -10.47 30.31
CA PHE A 319 15.23 -9.70 29.32
C PHE A 319 16.20 -8.90 28.46
N ASP A 320 15.70 -8.47 27.31
CA ASP A 320 16.48 -7.73 26.33
C ASP A 320 16.19 -6.24 26.48
N PRO A 321 17.10 -5.44 27.06
CA PRO A 321 16.79 -4.02 27.28
C PRO A 321 16.60 -3.23 26.00
N SER A 322 17.05 -3.73 24.85
CA SER A 322 16.74 -3.05 23.60
C SER A 322 15.25 -3.10 23.32
N VAL A 323 14.58 -4.18 23.72
CA VAL A 323 13.15 -4.37 23.53
C VAL A 323 12.40 -3.91 24.77
N ASP A 324 12.59 -4.60 25.90
CA ASP A 324 11.95 -4.20 27.16
C ASP A 324 12.75 -3.06 27.80
N VAL A 325 12.52 -1.87 27.27
CA VAL A 325 13.34 -0.72 27.60
C VAL A 325 13.03 -0.15 28.98
N TYR A 326 11.89 -0.52 29.56
CA TYR A 326 11.53 -0.05 30.90
C TYR A 326 11.82 -1.11 31.97
N ALA A 327 12.57 -2.16 31.62
CA ALA A 327 12.74 -3.33 32.48
C ALA A 327 13.99 -3.18 33.36
N MET A 328 13.85 -3.57 34.62
CA MET A 328 14.93 -3.51 35.61
C MET A 328 15.00 -4.79 36.42
N LYS A 329 16.19 -5.37 36.56
CA LYS A 329 16.39 -6.50 37.44
C LYS A 329 16.40 -6.04 38.90
N SER A 330 16.06 -6.95 39.80
CA SER A 330 16.18 -6.67 41.22
C SER A 330 17.61 -6.90 41.73
N HIS A 331 17.98 -6.16 42.77
CA HIS A 331 19.36 -6.17 43.28
C HIS A 331 19.81 -7.61 43.55
N GLU A 332 21.11 -7.85 43.35
CA GLU A 332 21.68 -9.16 43.59
C GLU A 332 21.28 -9.70 44.95
N SER A 333 21.40 -8.88 45.99
CA SER A 333 21.01 -9.27 47.34
C SER A 333 19.59 -8.74 47.59
N SER A 334 18.61 -9.44 47.03
CA SER A 334 17.21 -9.09 47.16
C SER A 334 16.41 -10.33 47.51
N PRO A 335 15.26 -10.18 48.20
CA PRO A 335 14.51 -11.34 48.70
C PRO A 335 14.04 -12.30 47.62
N LYS A 336 13.27 -11.79 46.67
CA LYS A 336 12.78 -12.57 45.56
C LYS A 336 13.47 -12.10 44.28
N LYS A 337 13.68 -13.03 43.35
CA LYS A 337 14.20 -12.68 42.04
C LYS A 337 13.05 -12.12 41.22
N GLU A 338 13.08 -10.83 40.95
CA GLU A 338 11.99 -10.10 40.32
C GLU A 338 12.50 -9.30 39.14
N VAL A 339 11.56 -8.88 38.29
CA VAL A 339 11.85 -7.93 37.21
C VAL A 339 10.74 -6.90 37.18
N TYR A 340 11.10 -5.62 37.20
CA TYR A 340 10.06 -4.61 37.15
C TYR A 340 10.03 -3.95 35.79
N PHE A 341 8.89 -3.35 35.49
CA PHE A 341 8.71 -2.48 34.33
C PHE A 341 8.03 -1.20 34.79
N MET A 342 8.68 -0.06 34.56
CA MET A 342 8.21 1.20 35.12
C MET A 342 8.30 2.30 34.06
N ALA A 343 7.19 3.02 33.87
CA ALA A 343 7.19 4.14 32.91
C ALA A 343 6.08 5.12 33.29
N ILE A 344 6.10 6.30 32.62
CA ILE A 344 5.03 7.30 32.74
C ILE A 344 4.02 7.07 31.64
N ILE A 345 2.72 7.25 31.95
CA ILE A 345 1.64 6.99 30.99
C ILE A 345 0.55 8.02 31.20
N ASP A 346 -0.33 8.17 30.18
CA ASP A 346 -1.44 9.12 30.20
C ASP A 346 -0.98 10.58 30.24
N ILE A 347 -0.45 11.05 29.11
CA ILE A 347 0.31 12.28 28.97
C ILE A 347 -0.45 13.38 28.23
N LEU A 348 -1.64 13.10 27.70
CA LEU A 348 -2.37 14.07 26.89
C LEU A 348 -3.53 14.68 27.69
N THR A 349 -3.24 15.80 28.34
CA THR A 349 -4.24 16.56 29.12
C THR A 349 -3.70 17.93 29.58
N VAL A 375 -4.82 21.93 42.02
CA VAL A 375 -3.46 21.38 42.01
C VAL A 375 -2.72 21.82 40.74
N ASN A 376 -1.71 22.68 40.92
CA ASN A 376 -0.94 23.21 39.80
C ASN A 376 -0.21 22.08 39.07
N PRO A 377 0.25 22.34 37.84
CA PRO A 377 1.14 21.35 37.19
C PRO A 377 2.49 21.23 37.86
N GLU A 378 3.08 22.34 38.29
CA GLU A 378 4.29 22.26 39.13
C GLU A 378 4.02 21.45 40.38
N GLN A 379 2.84 21.63 40.99
CA GLN A 379 2.47 20.87 42.18
C GLN A 379 2.31 19.38 41.87
N TYR A 380 1.65 19.04 40.76
CA TYR A 380 1.50 17.64 40.38
C TYR A 380 2.86 17.00 40.15
N SER A 381 3.73 17.70 39.40
CA SER A 381 5.13 17.29 39.27
C SER A 381 5.75 16.98 40.63
N LYS A 382 5.62 17.90 41.59
CA LYS A 382 6.28 17.74 42.88
C LYS A 382 5.76 16.53 43.65
N ARG A 383 4.44 16.44 43.84
CA ARG A 383 3.87 15.31 44.57
C ARG A 383 4.23 13.99 43.89
N PHE A 384 4.08 13.94 42.55
CA PHE A 384 4.40 12.75 41.78
C PHE A 384 5.84 12.29 42.03
N ASN A 385 6.81 13.20 41.81
CA ASN A 385 8.21 12.83 41.97
C ASN A 385 8.51 12.36 43.40
N GLU A 386 8.03 13.10 44.41
CA GLU A 386 8.32 12.69 45.78
C GLU A 386 7.74 11.31 46.08
N PHE A 387 6.59 10.98 45.48
CA PHE A 387 6.02 9.64 45.69
C PHE A 387 6.87 8.56 45.03
N MET A 388 7.09 8.69 43.72
CA MET A 388 7.84 7.66 43.00
C MET A 388 9.28 7.54 43.49
N SER A 389 9.83 8.59 44.11
CA SER A 389 11.17 8.50 44.69
C SER A 389 11.20 7.46 45.78
N ASN A 390 10.19 7.45 46.65
CA ASN A 390 10.10 6.47 47.71
C ASN A 390 9.61 5.12 47.24
N ILE A 391 9.16 5.00 45.99
CA ILE A 391 8.56 3.76 45.51
C ILE A 391 9.54 2.60 45.51
N LEU A 392 10.83 2.87 45.68
CA LEU A 392 11.82 1.83 45.42
C LEU A 392 13.10 2.11 46.22
N THR A 393 13.88 1.04 46.38
CA THR A 393 15.12 1.04 47.15
C THR A 393 16.23 0.30 46.39
N VAL B 10 12.92 2.47 -4.44
CA VAL B 10 12.17 3.62 -3.96
C VAL B 10 11.44 4.30 -5.12
N LYS B 11 10.12 4.15 -5.15
CA LYS B 11 9.30 4.60 -6.27
C LYS B 11 8.89 6.05 -6.04
N LEU B 12 9.79 6.97 -6.35
CA LEU B 12 9.37 8.34 -6.59
C LEU B 12 8.59 8.38 -7.89
N PHE B 13 7.33 8.79 -7.85
CA PHE B 13 6.51 8.68 -9.05
C PHE B 13 6.69 9.92 -9.93
N ARG B 14 7.93 10.09 -10.41
CA ARG B 14 8.34 11.31 -11.13
C ARG B 14 7.97 11.16 -12.60
N ALA B 15 7.13 12.08 -13.09
CA ALA B 15 6.55 11.93 -14.42
C ALA B 15 6.58 13.26 -15.16
N SER B 16 6.50 13.15 -16.48
CA SER B 16 6.55 14.32 -17.34
C SER B 16 5.37 15.26 -17.11
N GLU B 17 4.32 14.78 -16.45
CA GLU B 17 3.19 15.59 -16.01
C GLU B 17 2.44 14.82 -14.91
N PRO B 18 1.61 15.51 -14.11
CA PRO B 18 1.13 14.87 -12.87
C PRO B 18 0.11 13.77 -13.08
N ILE B 19 -0.65 13.80 -14.16
CA ILE B 19 -1.58 12.70 -14.39
C ILE B 19 -0.81 11.38 -14.57
N LEU B 20 0.40 11.44 -15.13
CA LEU B 20 1.21 10.23 -15.23
C LEU B 20 1.75 9.81 -13.87
N SER B 21 2.04 10.76 -12.99
CA SER B 21 2.39 10.40 -11.62
C SER B 21 1.25 9.65 -10.96
N VAL B 22 0.01 10.09 -11.19
CA VAL B 22 -1.12 9.36 -10.62
C VAL B 22 -1.26 7.99 -11.26
N LEU B 23 -1.07 7.90 -12.58
CA LEU B 23 -1.12 6.58 -13.24
C LEU B 23 -0.16 5.61 -12.57
N MET B 24 1.09 6.05 -12.41
CA MET B 24 2.10 5.22 -11.77
C MET B 24 1.72 4.85 -10.35
N TRP B 25 1.39 5.87 -9.54
CA TRP B 25 0.95 5.62 -8.17
C TRP B 25 -0.19 4.61 -8.13
N GLY B 26 -1.20 4.79 -8.98
CA GLY B 26 -2.38 3.95 -8.93
C GLY B 26 -2.13 2.52 -9.36
N VAL B 27 -1.38 2.32 -10.45
CA VAL B 27 -1.06 0.96 -10.87
C VAL B 27 -0.24 0.26 -9.78
N ASN B 28 0.77 0.95 -9.25
CA ASN B 28 1.46 0.44 -8.07
C ASN B 28 0.49 0.04 -6.95
N HIS B 29 -0.40 0.96 -6.57
CA HIS B 29 -1.29 0.74 -5.43
C HIS B 29 -2.21 -0.44 -5.64
N THR B 30 -2.88 -0.46 -6.79
CA THR B 30 -3.88 -1.48 -7.05
C THR B 30 -3.24 -2.85 -7.20
N ILE B 31 -2.06 -2.92 -7.84
CA ILE B 31 -1.43 -4.23 -8.01
C ILE B 31 -0.95 -4.77 -6.65
N ASN B 32 -0.45 -3.91 -5.76
CA ASN B 32 -0.09 -4.38 -4.41
C ASN B 32 -1.32 -4.85 -3.64
N GLU B 33 -2.40 -4.04 -3.66
CA GLU B 33 -3.62 -4.50 -3.02
C GLU B 33 -4.03 -5.86 -3.58
N LEU B 34 -3.91 -6.05 -4.89
CA LEU B 34 -4.34 -7.33 -5.45
C LEU B 34 -3.45 -8.47 -4.95
N SER B 35 -2.17 -8.20 -4.74
CA SER B 35 -1.33 -9.26 -4.19
C SER B 35 -1.82 -9.67 -2.82
N ASN B 36 -2.62 -8.83 -2.17
CA ASN B 36 -3.25 -9.31 -0.95
C ASN B 36 -4.64 -9.94 -1.15
N VAL B 37 -5.10 -10.12 -2.37
CA VAL B 37 -6.41 -10.71 -2.68
C VAL B 37 -6.19 -12.07 -3.34
N PRO B 38 -6.67 -13.17 -2.75
CA PRO B 38 -6.46 -14.50 -3.36
C PRO B 38 -7.04 -14.60 -4.76
N VAL B 39 -6.41 -15.44 -5.59
CA VAL B 39 -6.94 -15.66 -6.93
C VAL B 39 -8.03 -16.74 -6.80
N PRO B 40 -9.22 -16.48 -7.32
CA PRO B 40 -10.37 -17.39 -7.09
C PRO B 40 -10.32 -18.62 -7.96
N VAL B 41 -11.26 -19.54 -7.71
CA VAL B 41 -11.33 -20.74 -8.53
C VAL B 41 -11.89 -20.42 -9.91
N MET B 42 -12.72 -19.36 -10.01
CA MET B 42 -12.91 -18.63 -11.27
C MET B 42 -13.66 -17.33 -10.94
N LEU B 43 -14.01 -16.58 -11.97
CA LEU B 43 -14.63 -15.26 -11.79
C LEU B 43 -16.13 -15.40 -11.62
N MET B 44 -16.71 -14.47 -10.89
CA MET B 44 -18.15 -14.47 -10.73
C MET B 44 -18.75 -13.34 -11.54
N PRO B 45 -20.07 -13.38 -11.83
CA PRO B 45 -20.75 -12.21 -12.40
C PRO B 45 -20.39 -10.89 -11.72
N ASP B 46 -20.41 -10.82 -10.38
CA ASP B 46 -20.16 -9.53 -9.72
C ASP B 46 -18.76 -9.02 -10.03
N ASP B 47 -17.83 -9.93 -10.34
CA ASP B 47 -16.50 -9.49 -10.70
C ASP B 47 -16.54 -8.61 -11.94
N PHE B 48 -17.48 -8.88 -12.85
CA PHE B 48 -17.67 -8.09 -14.06
C PHE B 48 -18.40 -6.78 -13.83
N LYS B 49 -18.97 -6.58 -12.64
CA LYS B 49 -19.60 -5.32 -12.27
C LYS B 49 -18.85 -4.60 -11.16
N ALA B 50 -17.67 -5.08 -10.76
CA ALA B 50 -16.98 -4.52 -9.61
C ALA B 50 -16.01 -3.41 -10.02
N TYR B 51 -15.67 -2.57 -9.05
CA TYR B 51 -14.63 -1.57 -9.22
C TYR B 51 -13.95 -1.36 -7.89
N SER B 52 -12.81 -0.70 -7.93
CA SER B 52 -12.14 -0.24 -6.73
C SER B 52 -11.94 1.27 -6.87
N LYS B 53 -12.09 2.00 -5.76
CA LYS B 53 -12.03 3.44 -5.77
C LYS B 53 -11.17 3.91 -4.60
N ILE B 54 -10.29 4.88 -4.85
CA ILE B 54 -9.37 5.38 -3.84
C ILE B 54 -9.25 6.90 -3.98
N LYS B 55 -9.49 7.61 -2.88
CA LYS B 55 -9.38 9.08 -2.88
C LYS B 55 -8.26 9.46 -1.92
N VAL B 56 -7.29 10.22 -2.44
CA VAL B 56 -6.07 10.59 -1.73
C VAL B 56 -6.09 12.08 -1.50
N ASP B 57 -5.73 12.47 -0.27
CA ASP B 57 -5.97 13.81 0.20
C ASP B 57 -4.89 14.14 1.24
N ASN B 58 -3.63 14.25 0.79
CA ASN B 58 -2.57 14.56 1.72
C ASN B 58 -2.43 16.07 1.87
N HIS B 59 -1.87 16.49 2.99
CA HIS B 59 -1.70 17.90 3.29
C HIS B 59 -0.29 18.11 3.81
N LEU B 60 0.53 18.82 3.03
CA LEU B 60 1.92 19.10 3.38
C LEU B 60 2.77 17.84 3.41
N PHE B 61 2.43 16.84 2.62
CA PHE B 61 3.08 15.56 2.77
C PHE B 61 3.14 14.82 1.43
N ASN B 62 4.33 14.41 1.03
CA ASN B 62 4.53 13.58 -0.16
C ASN B 62 4.06 14.30 -1.42
N LYS B 63 4.26 15.61 -1.49
CA LYS B 63 3.79 16.38 -2.64
C LYS B 63 4.88 16.58 -3.70
N GLU B 64 6.12 16.12 -3.47
CA GLU B 64 7.23 16.39 -4.37
C GLU B 64 6.90 15.98 -5.80
N ASN B 65 6.37 14.79 -5.98
CA ASN B 65 5.99 14.34 -7.31
C ASN B 65 4.50 14.06 -7.46
N LEU B 66 3.81 13.63 -6.40
CA LEU B 66 2.38 13.43 -6.61
C LEU B 66 1.61 14.71 -6.36
N PRO B 67 0.41 14.83 -6.92
CA PRO B 67 -0.54 15.79 -6.38
C PRO B 67 -0.94 15.43 -4.96
N SER B 68 -1.46 16.42 -4.24
CA SER B 68 -1.94 16.19 -2.87
C SER B 68 -3.34 15.61 -2.84
N ARG B 69 -4.18 15.96 -3.81
CA ARG B 69 -5.55 15.46 -3.91
C ARG B 69 -5.70 14.83 -5.29
N PHE B 70 -6.16 13.59 -5.32
CA PHE B 70 -6.45 12.89 -6.57
C PHE B 70 -7.31 11.67 -6.28
N LYS B 71 -7.92 11.14 -7.33
CA LYS B 71 -8.68 9.89 -7.23
C LYS B 71 -8.16 8.89 -8.24
N PHE B 72 -8.34 7.61 -7.93
CA PHE B 72 -8.00 6.48 -8.80
C PHE B 72 -9.08 5.41 -8.72
N LYS B 73 -9.58 4.95 -9.85
CA LYS B 73 -10.62 3.94 -9.95
C LYS B 73 -10.17 2.85 -10.92
N GLU B 74 -10.24 1.59 -10.51
CA GLU B 74 -9.89 0.46 -11.36
C GLU B 74 -11.15 -0.34 -11.62
N TYR B 75 -11.52 -0.46 -12.90
CA TYR B 75 -12.73 -1.19 -13.26
C TYR B 75 -12.42 -2.68 -13.30
N CYS B 76 -13.27 -3.49 -12.67
CA CYS B 76 -13.11 -4.95 -12.68
C CYS B 76 -11.68 -5.43 -12.40
N PRO B 77 -11.11 -5.08 -11.21
CA PRO B 77 -9.76 -5.58 -10.90
C PRO B 77 -9.60 -7.09 -11.08
N MET B 78 -10.54 -7.93 -10.62
CA MET B 78 -10.38 -9.39 -10.72
C MET B 78 -10.40 -9.88 -12.17
N VAL B 79 -11.28 -9.33 -13.00
CA VAL B 79 -11.33 -9.77 -14.38
C VAL B 79 -10.04 -9.43 -15.12
N PHE B 80 -9.56 -8.20 -14.94
CA PHE B 80 -8.33 -7.80 -15.59
C PHE B 80 -7.11 -8.48 -15.01
N ARG B 81 -7.11 -8.81 -13.72
CA ARG B 81 -6.00 -9.59 -13.22
C ARG B 81 -5.99 -10.98 -13.84
N ASN B 82 -7.19 -11.56 -14.03
CA ASN B 82 -7.28 -12.83 -14.72
C ASN B 82 -6.80 -12.73 -16.15
N LEU B 83 -7.25 -11.71 -16.89
CA LEU B 83 -6.79 -11.55 -18.26
C LEU B 83 -5.27 -11.44 -18.29
N ARG B 84 -4.72 -10.60 -17.42
CA ARG B 84 -3.27 -10.49 -17.33
C ARG B 84 -2.66 -11.89 -17.22
N GLU B 85 -3.24 -12.75 -16.39
CA GLU B 85 -2.71 -14.11 -16.22
C GLU B 85 -2.82 -14.91 -17.51
N ARG B 86 -3.99 -14.85 -18.13
CA ARG B 86 -4.24 -15.65 -19.33
C ARG B 86 -3.42 -15.19 -20.52
N PHE B 87 -2.91 -13.96 -20.50
CA PHE B 87 -2.05 -13.46 -21.56
C PHE B 87 -0.58 -13.66 -21.27
N GLY B 88 -0.25 -14.32 -20.17
CA GLY B 88 1.13 -14.64 -19.87
C GLY B 88 1.92 -13.53 -19.21
N ILE B 89 1.25 -12.54 -18.64
CA ILE B 89 1.89 -11.39 -18.02
C ILE B 89 1.83 -11.51 -16.50
N ASP B 90 3.00 -11.52 -15.86
CA ASP B 90 3.04 -11.51 -14.40
C ASP B 90 2.75 -10.11 -13.87
N ASP B 91 1.93 -10.04 -12.82
CA ASP B 91 1.48 -8.77 -12.27
C ASP B 91 2.65 -7.87 -11.86
N GLN B 92 3.69 -8.43 -11.23
CA GLN B 92 4.81 -7.58 -10.84
C GLN B 92 5.55 -7.04 -12.05
N ASP B 93 5.57 -7.79 -13.15
CA ASP B 93 6.13 -7.26 -14.38
C ASP B 93 5.30 -6.10 -14.89
N TYR B 94 3.98 -6.27 -14.91
CA TYR B 94 3.09 -5.17 -15.31
C TYR B 94 3.34 -3.93 -14.45
N GLN B 95 3.36 -4.12 -13.13
CA GLN B 95 3.62 -3.06 -12.17
C GLN B 95 4.94 -2.35 -12.46
N ASN B 96 6.03 -3.10 -12.66
CA ASN B 96 7.32 -2.47 -12.89
C ASN B 96 7.35 -1.75 -14.24
N SER B 97 6.68 -2.27 -15.25
CA SER B 97 6.70 -1.58 -16.52
C SER B 97 5.99 -0.24 -16.41
N VAL B 98 5.01 -0.13 -15.49
CA VAL B 98 4.37 1.19 -15.36
C VAL B 98 5.11 2.10 -14.35
N THR B 99 5.73 1.55 -13.31
CA THR B 99 6.11 2.39 -12.18
C THR B 99 7.60 2.72 -12.14
N ARG B 100 8.43 1.98 -12.86
CA ARG B 100 9.87 2.14 -12.71
C ARG B 100 10.35 3.43 -13.36
N SER B 101 9.66 3.89 -14.39
CA SER B 101 9.95 5.20 -14.98
C SER B 101 8.69 5.67 -15.70
N ALA B 102 8.50 6.99 -15.70
CA ALA B 102 7.30 7.61 -16.27
C ALA B 102 7.00 7.05 -17.66
N PRO B 103 5.73 6.82 -17.98
CA PRO B 103 5.35 6.52 -19.37
C PRO B 103 5.75 7.64 -20.32
N ILE B 104 5.85 7.30 -21.60
CA ILE B 104 6.37 8.21 -22.60
C ILE B 104 5.34 8.37 -23.73
N ASN B 105 5.56 9.36 -24.58
CA ASN B 105 4.61 9.65 -25.66
C ASN B 105 5.09 9.10 -27.01
N ARG B 115 -4.80 10.56 -27.44
CA ARG B 115 -3.55 10.54 -26.67
C ARG B 115 -3.04 9.11 -26.38
N PHE B 116 -1.83 8.79 -26.83
CA PHE B 116 -1.26 7.45 -26.71
C PHE B 116 0.09 7.48 -26.00
N LEU B 117 0.23 6.67 -24.94
CA LEU B 117 1.47 6.53 -24.21
C LEU B 117 1.99 5.10 -24.34
N THR B 118 3.27 4.94 -24.03
CA THR B 118 3.89 3.65 -23.77
C THR B 118 4.57 3.69 -22.42
N THR B 119 4.66 2.54 -21.78
CA THR B 119 5.58 2.36 -20.67
C THR B 119 7.04 2.60 -21.13
N TYR B 120 7.92 2.88 -20.15
CA TYR B 120 9.30 3.26 -20.47
C TYR B 120 10.00 2.18 -21.28
N ASP B 121 9.62 0.92 -21.06
CA ASP B 121 10.22 -0.20 -21.75
C ASP B 121 9.44 -0.61 -22.99
N ARG B 122 8.48 0.23 -23.41
CA ARG B 122 7.66 0.03 -24.61
C ARG B 122 6.89 -1.28 -24.60
N ARG B 123 6.71 -1.92 -23.43
CA ARG B 123 6.09 -3.24 -23.41
C ARG B 123 4.59 -3.15 -23.63
N PHE B 124 3.95 -2.12 -23.05
CA PHE B 124 2.51 -1.95 -22.99
C PHE B 124 2.15 -0.54 -23.41
N VAL B 125 0.96 -0.36 -23.99
CA VAL B 125 0.54 0.96 -24.39
C VAL B 125 -0.71 1.37 -23.61
N ILE B 126 -0.80 2.67 -23.34
CA ILE B 126 -1.85 3.26 -22.52
C ILE B 126 -2.61 4.26 -23.38
N LYS B 127 -3.90 4.01 -23.59
CA LYS B 127 -4.69 4.84 -24.49
C LYS B 127 -5.74 5.56 -23.69
N THR B 128 -5.83 6.88 -23.90
CA THR B 128 -6.93 7.64 -23.33
C THR B 128 -8.18 7.29 -24.10
N VAL B 129 -9.25 6.97 -23.36
CA VAL B 129 -10.52 6.60 -23.96
C VAL B 129 -11.60 7.49 -23.35
N SER B 130 -12.81 7.38 -23.90
CA SER B 130 -13.95 8.17 -23.47
C SER B 130 -14.83 7.37 -22.52
N SER B 131 -15.77 8.06 -21.87
CA SER B 131 -16.77 7.37 -21.07
C SER B 131 -17.54 6.36 -21.90
N GLU B 132 -17.87 6.71 -23.14
CA GLU B 132 -18.56 5.79 -24.03
C GLU B 132 -17.76 4.49 -24.19
N ASP B 133 -16.45 4.61 -24.42
CA ASP B 133 -15.61 3.42 -24.60
C ASP B 133 -15.59 2.53 -23.36
N VAL B 134 -15.51 3.14 -22.16
CA VAL B 134 -15.53 2.38 -20.90
C VAL B 134 -16.84 1.61 -20.75
N ALA B 135 -17.96 2.29 -21.05
CA ALA B 135 -19.25 1.61 -21.06
C ALA B 135 -19.29 0.48 -22.07
N GLU B 136 -18.66 0.68 -23.24
CA GLU B 136 -18.67 -0.34 -24.27
C GLU B 136 -17.91 -1.57 -23.82
N MET B 137 -16.73 -1.36 -23.21
CA MET B 137 -15.99 -2.51 -22.68
C MET B 137 -16.78 -3.22 -21.60
N HIS B 138 -17.49 -2.48 -20.75
CA HIS B 138 -18.34 -3.18 -19.79
C HIS B 138 -19.38 -4.03 -20.50
N ASN B 139 -19.97 -3.50 -21.57
CA ASN B 139 -20.94 -4.31 -22.30
C ASN B 139 -20.31 -5.55 -22.93
N ILE B 140 -19.03 -5.49 -23.31
CA ILE B 140 -18.45 -6.65 -23.98
C ILE B 140 -17.69 -7.60 -23.06
N LEU B 141 -17.43 -7.23 -21.81
CA LEU B 141 -16.34 -7.84 -21.05
C LEU B 141 -16.53 -9.34 -20.81
N LYS B 142 -17.71 -9.77 -20.35
CA LYS B 142 -17.85 -11.19 -20.04
C LYS B 142 -17.67 -12.03 -21.31
N LYS B 143 -18.22 -11.58 -22.44
CA LYS B 143 -18.06 -12.34 -23.68
C LYS B 143 -16.61 -12.29 -24.17
N TYR B 144 -15.96 -11.13 -24.07
CA TYR B 144 -14.54 -11.02 -24.41
C TYR B 144 -13.71 -12.00 -23.57
N HIS B 145 -13.98 -12.05 -22.27
CA HIS B 145 -13.19 -12.90 -21.39
C HIS B 145 -13.42 -14.37 -21.70
N GLN B 146 -14.67 -14.78 -21.94
CA GLN B 146 -14.87 -16.19 -22.24
C GLN B 146 -14.30 -16.54 -23.62
N PHE B 147 -14.31 -15.58 -24.56
CA PHE B 147 -13.67 -15.83 -25.84
C PHE B 147 -12.16 -16.03 -25.66
N ILE B 148 -11.58 -15.37 -24.68
CA ILE B 148 -10.14 -15.53 -24.51
C ILE B 148 -9.83 -16.80 -23.72
N VAL B 149 -10.74 -17.22 -22.85
CA VAL B 149 -10.64 -18.54 -22.25
C VAL B 149 -10.64 -19.64 -23.32
N GLU B 150 -11.53 -19.51 -24.32
CA GLU B 150 -11.66 -20.55 -25.33
C GLU B 150 -10.56 -20.48 -26.39
N CYS B 151 -9.85 -19.37 -26.50
CA CYS B 151 -8.70 -19.26 -27.38
C CYS B 151 -7.43 -19.81 -26.78
N HIS B 152 -7.40 -20.06 -25.47
CA HIS B 152 -6.15 -20.15 -24.73
C HIS B 152 -5.27 -18.98 -25.13
N GLY B 153 -5.87 -17.80 -25.24
CA GLY B 153 -5.13 -16.57 -25.43
C GLY B 153 -4.48 -16.39 -26.78
N ASN B 154 -4.73 -17.31 -27.73
CA ASN B 154 -4.09 -17.27 -29.04
C ASN B 154 -5.00 -16.48 -29.99
N THR B 155 -4.76 -15.17 -30.08
CA THR B 155 -5.75 -14.26 -30.65
C THR B 155 -5.07 -12.99 -31.13
N LEU B 156 -5.70 -12.32 -32.09
CA LEU B 156 -5.17 -11.10 -32.65
C LEU B 156 -5.87 -9.85 -32.09
N LEU B 157 -6.92 -10.04 -31.28
CA LEU B 157 -7.59 -8.92 -30.64
C LEU B 157 -6.63 -8.17 -29.73
N PRO B 158 -6.97 -6.93 -29.36
CA PRO B 158 -6.19 -6.25 -28.32
C PRO B 158 -6.21 -7.09 -27.05
N GLN B 159 -5.07 -7.12 -26.36
CA GLN B 159 -5.01 -7.81 -25.07
C GLN B 159 -5.19 -6.75 -24.00
N PHE B 160 -6.39 -6.70 -23.42
CA PHE B 160 -6.71 -5.72 -22.39
C PHE B 160 -6.15 -6.16 -21.05
N LEU B 161 -5.25 -5.36 -20.48
CA LEU B 161 -4.58 -5.70 -19.24
C LEU B 161 -5.16 -4.94 -18.03
N GLY B 162 -5.72 -3.74 -18.24
CA GLY B 162 -6.28 -2.94 -17.16
C GLY B 162 -7.04 -1.73 -17.65
N MET B 163 -7.97 -1.22 -16.84
CA MET B 163 -8.75 -0.05 -17.22
C MET B 163 -9.02 0.85 -16.01
N TYR B 164 -8.69 2.13 -16.16
CA TYR B 164 -8.61 3.01 -15.01
C TYR B 164 -9.31 4.34 -15.30
N ARG B 165 -9.85 4.95 -14.24
CA ARG B 165 -10.32 6.33 -14.29
C ARG B 165 -9.48 7.10 -13.28
N LEU B 166 -8.85 8.17 -13.75
CA LEU B 166 -8.04 9.02 -12.88
C LEU B 166 -8.75 10.35 -12.75
N THR B 167 -8.63 10.95 -11.57
CA THR B 167 -9.21 12.26 -11.34
C THR B 167 -8.12 13.15 -10.78
N VAL B 168 -7.72 14.13 -11.58
CA VAL B 168 -6.68 15.09 -11.23
C VAL B 168 -7.24 16.47 -11.50
N ASP B 169 -7.24 17.33 -10.48
CA ASP B 169 -7.69 18.72 -10.60
C ASP B 169 -9.14 18.82 -11.01
N GLY B 170 -9.98 17.89 -10.58
CA GLY B 170 -11.38 17.88 -10.91
C GLY B 170 -11.75 17.18 -12.20
N VAL B 171 -10.82 17.03 -13.16
CA VAL B 171 -11.14 16.44 -14.46
C VAL B 171 -10.82 14.94 -14.49
N GLU B 172 -11.78 14.15 -14.95
CA GLU B 172 -11.65 12.72 -15.04
C GLU B 172 -11.03 12.31 -16.37
N THR B 173 -10.13 11.34 -16.32
CA THR B 173 -9.42 10.82 -17.47
C THR B 173 -9.54 9.31 -17.43
N TYR B 174 -9.96 8.70 -18.54
CA TYR B 174 -10.15 7.24 -18.65
C TYR B 174 -9.00 6.62 -19.44
N MET B 175 -8.48 5.50 -18.96
CA MET B 175 -7.35 4.87 -19.62
C MET B 175 -7.54 3.37 -19.76
N VAL B 176 -7.23 2.84 -20.93
CA VAL B 176 -7.18 1.40 -21.17
C VAL B 176 -5.75 1.00 -21.49
N VAL B 177 -5.24 -0.01 -20.78
CA VAL B 177 -3.88 -0.51 -21.01
C VAL B 177 -3.97 -1.81 -21.83
N THR B 178 -3.19 -1.87 -22.91
CA THR B 178 -3.14 -3.05 -23.76
C THR B 178 -1.69 -3.50 -23.89
N ARG B 179 -1.51 -4.73 -24.33
CA ARG B 179 -0.18 -5.13 -24.76
C ARG B 179 0.13 -4.61 -26.17
N ASN B 180 1.36 -4.15 -26.33
CA ASN B 180 1.80 -3.49 -27.56
C ASN B 180 1.77 -4.45 -28.76
N VAL B 181 1.24 -3.94 -29.87
CA VAL B 181 1.28 -4.66 -31.12
C VAL B 181 2.70 -4.77 -31.64
N LEU B 182 3.38 -3.62 -31.72
CA LEU B 182 4.75 -3.52 -32.18
C LEU B 182 5.73 -4.05 -31.14
N SER B 183 6.97 -4.26 -31.58
CA SER B 183 7.99 -4.79 -30.70
C SER B 183 8.50 -3.71 -29.76
N HIS B 184 8.74 -4.09 -28.52
CA HIS B 184 9.26 -3.17 -27.52
C HIS B 184 10.77 -2.97 -27.63
N ARG B 185 11.42 -3.63 -28.58
CA ARG B 185 12.88 -3.55 -28.72
C ARG B 185 13.31 -3.17 -30.12
N LEU B 186 12.73 -3.77 -31.15
CA LEU B 186 13.15 -3.57 -32.53
C LEU B 186 12.56 -2.28 -33.11
N THR B 187 13.42 -1.43 -33.65
CA THR B 187 12.95 -0.24 -34.33
C THR B 187 12.03 -0.62 -35.47
N VAL B 188 10.86 0.00 -35.53
CA VAL B 188 9.86 -0.31 -36.54
C VAL B 188 9.96 0.70 -37.67
N HIS B 189 10.09 0.20 -38.90
CA HIS B 189 10.48 1.05 -40.01
C HIS B 189 9.30 1.58 -40.82
N ARG B 190 8.21 0.84 -40.97
CA ARG B 190 7.03 1.43 -41.59
C ARG B 190 5.76 0.89 -40.94
N LYS B 191 4.77 1.75 -40.76
CA LYS B 191 3.54 1.37 -40.07
C LYS B 191 2.33 1.71 -40.92
N TYR B 192 1.38 0.77 -40.97
CA TYR B 192 0.17 0.91 -41.78
C TYR B 192 -1.06 0.55 -40.95
N ASP B 193 -2.12 1.33 -41.13
CA ASP B 193 -3.38 1.21 -40.39
C ASP B 193 -4.45 0.83 -41.42
N LEU B 194 -4.65 -0.46 -41.60
CA LEU B 194 -5.50 -0.98 -42.67
C LEU B 194 -6.94 -1.12 -42.18
N LYS B 195 -7.89 -0.74 -43.02
CA LYS B 195 -9.30 -0.83 -42.65
C LYS B 195 -10.13 -1.70 -43.56
N GLY B 196 -9.68 -1.98 -44.79
CA GLY B 196 -10.43 -2.83 -45.70
C GLY B 196 -11.63 -2.18 -46.37
N SER B 197 -11.73 -0.87 -46.30
CA SER B 197 -12.95 -0.21 -46.69
C SER B 197 -13.11 -0.18 -48.20
N THR B 198 -14.31 0.22 -48.62
CA THR B 198 -14.56 0.74 -49.96
C THR B 198 -14.69 2.26 -49.88
N VAL B 199 -13.67 2.88 -49.29
CA VAL B 199 -13.62 4.33 -49.12
C VAL B 199 -12.23 4.83 -49.45
N ALA B 200 -11.86 5.99 -48.89
CA ALA B 200 -10.60 6.67 -49.22
C ALA B 200 -9.85 6.99 -47.93
N ARG B 201 -9.10 6.01 -47.43
CA ARG B 201 -8.19 6.23 -46.32
C ARG B 201 -6.77 6.31 -46.87
N GLU B 202 -6.16 7.49 -46.76
CA GLU B 202 -4.79 7.68 -47.19
C GLU B 202 -4.10 8.63 -46.21
N ALA B 203 -2.79 8.45 -46.07
CA ALA B 203 -2.01 9.29 -45.18
C ALA B 203 -2.13 10.77 -45.57
N SER B 204 -2.44 11.61 -44.58
CA SER B 204 -2.54 13.04 -44.79
C SER B 204 -1.15 13.63 -45.03
N ASP B 205 -1.10 14.70 -45.85
CA ASP B 205 0.16 15.35 -46.16
C ASP B 205 0.88 15.79 -44.89
N LYS B 206 0.13 16.24 -43.88
CA LYS B 206 0.73 16.56 -42.59
C LYS B 206 1.29 15.31 -41.92
N GLU B 207 0.52 14.21 -41.93
CA GLU B 207 0.97 12.95 -41.35
C GLU B 207 2.06 12.30 -42.19
N LYS B 208 2.03 12.52 -43.52
CA LYS B 208 3.03 11.95 -44.40
C LYS B 208 4.42 12.49 -44.11
N ALA B 209 4.51 13.65 -43.45
CA ALA B 209 5.79 14.25 -43.09
C ALA B 209 6.14 14.01 -41.62
N LYS B 210 5.61 12.95 -41.02
CA LYS B 210 5.92 12.63 -39.64
C LYS B 210 7.24 11.86 -39.55
N ASP B 211 7.83 11.88 -38.35
CA ASP B 211 9.06 11.14 -38.12
C ASP B 211 8.90 9.67 -38.47
N LEU B 212 7.69 9.12 -38.27
CA LEU B 212 7.31 7.77 -38.67
C LEU B 212 5.84 7.77 -39.06
N PRO B 213 5.52 7.74 -40.36
CA PRO B 213 4.13 7.95 -40.79
C PRO B 213 3.22 6.78 -40.47
N THR B 214 1.91 7.07 -40.50
CA THR B 214 0.87 6.06 -40.35
C THR B 214 0.10 5.98 -41.66
N PHE B 215 0.36 4.95 -42.45
CA PHE B 215 -0.12 4.86 -43.83
C PHE B 215 -1.38 3.98 -43.84
N LYS B 216 -2.55 4.62 -43.93
CA LYS B 216 -3.81 3.90 -43.98
C LYS B 216 -3.94 3.15 -45.31
N ASP B 217 -5.17 2.68 -45.60
CA ASP B 217 -5.34 1.50 -46.44
C ASP B 217 -4.80 1.68 -47.86
N ASN B 218 -5.21 2.76 -48.54
CA ASN B 218 -4.90 2.93 -49.96
C ASN B 218 -3.40 2.85 -50.23
N ASP B 219 -2.61 3.57 -49.44
CA ASP B 219 -1.15 3.64 -49.60
C ASP B 219 -0.46 2.30 -49.39
N PHE B 220 -1.15 1.29 -48.88
CA PHE B 220 -0.50 -0.02 -48.81
C PHE B 220 -0.47 -0.69 -50.18
N LEU B 221 -1.47 -0.42 -51.01
CA LEU B 221 -1.48 -0.91 -52.37
C LEU B 221 -0.85 0.07 -53.36
N ASN B 222 -0.90 1.37 -53.06
CA ASN B 222 -0.21 2.37 -53.86
C ASN B 222 1.29 2.38 -53.58
N GLU B 223 1.73 1.77 -52.46
CA GLU B 223 3.14 1.50 -52.23
C GLU B 223 3.58 0.17 -52.83
N GLY B 224 2.70 -0.82 -52.87
CA GLY B 224 3.01 -2.12 -53.41
C GLY B 224 3.64 -3.10 -52.44
N GLN B 225 3.65 -2.79 -51.15
CA GLN B 225 4.24 -3.73 -50.19
C GLN B 225 3.41 -5.00 -50.13
N LYS B 226 4.10 -6.14 -50.23
CA LYS B 226 3.58 -7.43 -49.82
C LYS B 226 4.29 -7.86 -48.53
N LEU B 227 3.76 -8.92 -47.92
CA LEU B 227 4.28 -9.48 -46.67
C LEU B 227 4.39 -10.98 -46.86
N HIS B 228 5.61 -11.50 -46.92
CA HIS B 228 5.86 -12.83 -47.46
C HIS B 228 6.07 -13.86 -46.35
N VAL B 229 5.26 -14.91 -46.38
CA VAL B 229 5.40 -16.11 -45.55
C VAL B 229 4.27 -17.10 -45.91
N LYS B 234 1.91 -18.70 -41.92
CA LYS B 234 1.23 -18.58 -43.20
C LYS B 234 -0.29 -18.67 -43.06
N LYS B 235 -0.76 -19.80 -42.54
CA LYS B 235 -2.18 -20.12 -42.51
C LYS B 235 -2.79 -20.04 -41.12
N ASN B 236 -2.04 -20.42 -40.07
CA ASN B 236 -2.56 -20.28 -38.72
C ASN B 236 -2.98 -18.85 -38.41
N PHE B 237 -2.36 -17.88 -39.11
CA PHE B 237 -2.71 -16.48 -38.92
C PHE B 237 -4.15 -16.21 -39.34
N LEU B 238 -4.52 -16.63 -40.55
CA LEU B 238 -5.88 -16.43 -41.01
C LEU B 238 -6.86 -17.30 -40.23
N GLU B 239 -6.42 -18.52 -39.83
CA GLU B 239 -7.25 -19.33 -38.95
C GLU B 239 -7.62 -18.62 -37.66
N LYS B 240 -6.72 -17.77 -37.14
CA LYS B 240 -7.04 -17.00 -35.94
C LYS B 240 -7.84 -15.72 -36.26
N LEU B 241 -7.45 -15.01 -37.34
CA LEU B 241 -8.12 -13.76 -37.67
C LEU B 241 -9.59 -13.96 -38.02
N LYS B 242 -9.91 -14.99 -38.81
CA LYS B 242 -11.30 -15.21 -39.16
C LYS B 242 -12.14 -15.42 -37.90
N ARG B 243 -11.62 -16.21 -36.95
CA ARG B 243 -12.32 -16.41 -35.68
C ARG B 243 -12.55 -15.08 -34.99
N ASP B 244 -11.50 -14.27 -34.91
CA ASP B 244 -11.60 -12.97 -34.25
C ASP B 244 -12.71 -12.11 -34.87
N VAL B 245 -12.60 -11.82 -36.17
CA VAL B 245 -13.55 -10.87 -36.77
C VAL B 245 -14.96 -11.43 -36.77
N GLU B 246 -15.12 -12.75 -36.87
CA GLU B 246 -16.43 -13.33 -36.64
C GLU B 246 -16.94 -12.94 -35.26
N PHE B 247 -16.10 -13.07 -34.23
CA PHE B 247 -16.51 -12.73 -32.88
C PHE B 247 -16.87 -11.25 -32.76
N LEU B 248 -16.09 -10.37 -33.38
CA LEU B 248 -16.34 -8.93 -33.22
C LEU B 248 -17.62 -8.52 -33.94
N ALA B 249 -17.83 -9.00 -35.17
CA ALA B 249 -19.08 -8.72 -35.85
C ALA B 249 -20.27 -9.23 -35.05
N GLN B 250 -20.20 -10.51 -34.61
CA GLN B 250 -21.27 -11.08 -33.79
C GLN B 250 -21.51 -10.31 -32.50
N LEU B 251 -20.69 -9.31 -32.18
CA LEU B 251 -20.92 -8.45 -31.03
C LEU B 251 -21.25 -7.01 -31.45
N LYS B 252 -21.58 -6.81 -32.72
CA LYS B 252 -21.99 -5.51 -33.27
C LYS B 252 -20.88 -4.47 -33.15
N ILE B 253 -19.62 -4.90 -33.13
CA ILE B 253 -18.47 -4.01 -33.09
C ILE B 253 -18.10 -3.67 -34.52
N MET B 254 -17.85 -2.38 -34.78
CA MET B 254 -17.34 -1.92 -36.07
C MET B 254 -16.18 -0.98 -35.83
N ASP B 255 -15.66 -0.40 -36.90
CA ASP B 255 -14.64 0.66 -36.88
C ASP B 255 -13.25 0.17 -36.50
N TYR B 256 -13.03 -1.14 -36.38
CA TYR B 256 -11.73 -1.62 -35.94
C TYR B 256 -10.75 -1.66 -37.09
N SER B 257 -9.47 -1.46 -36.78
CA SER B 257 -8.41 -1.44 -37.76
C SER B 257 -7.46 -2.61 -37.55
N LEU B 258 -6.68 -2.95 -38.56
CA LEU B 258 -5.57 -3.88 -38.39
C LEU B 258 -4.27 -3.13 -38.55
N LEU B 259 -3.37 -3.32 -37.59
CA LEU B 259 -2.12 -2.59 -37.49
C LEU B 259 -0.99 -3.48 -37.98
N VAL B 260 -0.22 -2.99 -38.94
CA VAL B 260 0.90 -3.72 -39.55
C VAL B 260 2.17 -2.90 -39.38
N GLY B 261 3.21 -3.54 -38.88
CA GLY B 261 4.51 -2.90 -38.70
C GLY B 261 5.62 -3.70 -39.36
N ILE B 262 6.53 -2.98 -40.03
CA ILE B 262 7.60 -3.53 -40.86
C ILE B 262 8.92 -3.10 -40.24
N HIS B 263 9.80 -4.07 -39.97
CA HIS B 263 11.16 -3.80 -39.49
C HIS B 263 12.15 -4.39 -40.49
N ASP B 264 13.04 -3.54 -41.00
CA ASP B 264 14.05 -3.92 -41.99
C ASP B 264 15.33 -4.34 -41.28
N VAL B 265 15.55 -5.66 -41.17
CA VAL B 265 16.73 -6.16 -40.50
C VAL B 265 17.98 -5.50 -41.05
N ASP B 266 18.09 -5.42 -42.38
CA ASP B 266 19.30 -4.93 -43.01
C ASP B 266 19.63 -3.50 -42.59
N ARG B 267 18.60 -2.66 -42.44
CA ARG B 267 18.83 -1.27 -42.01
C ARG B 267 19.68 -1.21 -40.74
N ALA B 268 19.22 -1.89 -39.68
CA ALA B 268 20.03 -2.13 -38.50
C ALA B 268 20.51 -0.83 -37.85
N PHE B 313 25.29 -8.55 -25.56
CA PHE B 313 24.69 -7.70 -26.59
C PHE B 313 23.37 -8.29 -27.13
N PHE B 314 22.99 -7.85 -28.33
CA PHE B 314 21.79 -8.33 -29.00
C PHE B 314 22.05 -8.28 -30.50
N GLY B 315 21.01 -8.60 -31.29
CA GLY B 315 21.20 -8.77 -32.71
C GLY B 315 20.06 -8.25 -33.57
N PRO B 316 20.27 -8.27 -34.89
CA PRO B 316 19.26 -7.80 -35.84
C PRO B 316 18.31 -8.93 -36.24
N GLY B 317 17.04 -8.59 -36.37
CA GLY B 317 16.05 -9.60 -36.65
C GLY B 317 15.84 -10.56 -35.49
N GLU B 318 16.42 -10.24 -34.33
CA GLU B 318 16.38 -11.11 -33.17
C GLU B 318 15.30 -10.62 -32.21
N PHE B 319 14.29 -11.44 -31.96
CA PHE B 319 13.22 -11.04 -31.05
C PHE B 319 12.80 -12.21 -30.19
N ASP B 320 12.20 -11.89 -29.03
CA ASP B 320 11.63 -12.90 -28.15
C ASP B 320 10.15 -13.05 -28.46
N PRO B 321 9.71 -14.20 -28.96
CA PRO B 321 8.27 -14.36 -29.22
C PRO B 321 7.44 -14.47 -27.95
N SER B 322 8.03 -14.78 -26.78
CA SER B 322 7.17 -14.74 -25.61
C SER B 322 6.81 -13.30 -25.22
N VAL B 323 7.49 -12.30 -25.81
CA VAL B 323 7.31 -10.90 -25.45
C VAL B 323 6.63 -10.13 -26.58
N ASP B 324 7.22 -10.15 -27.78
CA ASP B 324 6.60 -9.63 -29.00
C ASP B 324 5.70 -10.72 -29.57
N VAL B 325 4.53 -10.87 -28.95
CA VAL B 325 3.63 -11.98 -29.24
C VAL B 325 3.16 -11.96 -30.69
N TYR B 326 3.10 -10.79 -31.31
CA TYR B 326 2.55 -10.67 -32.66
C TYR B 326 3.60 -10.73 -33.77
N ALA B 327 4.88 -10.87 -33.42
CA ALA B 327 5.94 -10.75 -34.41
C ALA B 327 5.96 -11.97 -35.32
N MET B 328 6.55 -11.79 -36.50
CA MET B 328 6.51 -12.79 -37.56
C MET B 328 7.72 -12.63 -38.45
N LYS B 329 8.51 -13.68 -38.57
CA LYS B 329 9.71 -13.63 -39.40
C LYS B 329 9.32 -13.78 -40.89
N SER B 330 10.01 -13.04 -41.75
CA SER B 330 9.71 -13.14 -43.17
C SER B 330 10.33 -14.42 -43.77
N HIS B 331 9.65 -14.94 -44.78
CA HIS B 331 10.12 -16.07 -45.57
C HIS B 331 11.48 -15.75 -46.20
N GLU B 332 12.18 -16.80 -46.63
CA GLU B 332 13.43 -16.63 -47.38
C GLU B 332 13.19 -15.92 -48.71
N SER B 333 12.05 -16.20 -49.34
CA SER B 333 11.58 -15.59 -50.57
C SER B 333 11.27 -14.09 -50.43
N SER B 334 11.49 -13.44 -49.29
CA SER B 334 11.16 -12.02 -49.37
C SER B 334 12.34 -11.25 -49.96
N PRO B 335 12.07 -10.24 -50.80
CA PRO B 335 13.15 -9.38 -51.30
C PRO B 335 14.05 -8.82 -50.20
N LYS B 336 13.49 -8.12 -49.23
CA LYS B 336 14.25 -7.62 -48.09
C LYS B 336 14.05 -8.56 -46.89
N LYS B 337 15.03 -8.56 -45.99
CA LYS B 337 14.94 -9.36 -44.77
C LYS B 337 14.13 -8.56 -43.76
N GLU B 338 12.96 -9.08 -43.39
CA GLU B 338 12.00 -8.28 -42.65
C GLU B 338 11.46 -9.02 -41.43
N VAL B 339 10.93 -8.24 -40.50
CA VAL B 339 10.13 -8.77 -39.40
C VAL B 339 8.83 -7.96 -39.36
N TYR B 340 7.69 -8.66 -39.40
CA TYR B 340 6.37 -8.04 -39.39
C TYR B 340 5.71 -8.18 -38.02
N PHE B 341 4.80 -7.24 -37.71
CA PHE B 341 3.99 -7.30 -36.48
C PHE B 341 2.56 -6.94 -36.83
N MET B 342 1.59 -7.76 -36.40
CA MET B 342 0.22 -7.64 -36.91
C MET B 342 -0.82 -7.87 -35.82
N ALA B 343 -1.75 -6.93 -35.64
CA ALA B 343 -2.84 -7.21 -34.70
C ALA B 343 -4.02 -6.26 -34.91
N ILE B 344 -5.19 -6.69 -34.45
CA ILE B 344 -6.41 -5.87 -34.54
C ILE B 344 -6.41 -4.85 -33.41
N ILE B 345 -6.95 -3.65 -33.70
CA ILE B 345 -7.00 -2.55 -32.75
C ILE B 345 -8.31 -1.78 -32.90
N ASP B 346 -8.64 -1.04 -31.83
CA ASP B 346 -9.76 -0.10 -31.75
C ASP B 346 -11.11 -0.80 -31.91
N ILE B 347 -11.42 -1.64 -30.92
CA ILE B 347 -12.62 -2.45 -30.96
C ILE B 347 -13.66 -2.00 -29.92
N LEU B 348 -13.78 -0.70 -29.66
CA LEU B 348 -14.74 -0.20 -28.67
C LEU B 348 -15.76 0.78 -29.29
N THR B 349 -16.87 0.25 -29.80
CA THR B 349 -17.91 1.09 -30.43
C THR B 349 -19.36 0.70 -30.04
N PRO B 377 -20.94 -3.02 -39.16
CA PRO B 377 -21.24 -4.22 -38.38
C PRO B 377 -20.87 -5.51 -39.13
N GLU B 378 -21.87 -6.36 -39.41
CA GLU B 378 -21.56 -7.68 -39.98
C GLU B 378 -20.96 -7.55 -41.38
N GLN B 379 -21.48 -6.62 -42.18
CA GLN B 379 -20.86 -6.34 -43.47
C GLN B 379 -19.39 -5.97 -43.28
N TYR B 380 -19.14 -5.00 -42.39
CA TYR B 380 -17.80 -4.54 -42.04
C TYR B 380 -16.84 -5.70 -41.86
N SER B 381 -17.28 -6.77 -41.21
CA SER B 381 -16.41 -7.94 -41.03
C SER B 381 -15.86 -8.42 -42.37
N LYS B 382 -16.74 -8.85 -43.28
CA LYS B 382 -16.32 -9.56 -44.50
C LYS B 382 -15.42 -8.67 -45.36
N ARG B 383 -15.93 -7.49 -45.74
CA ARG B 383 -15.10 -6.48 -46.39
C ARG B 383 -13.73 -6.41 -45.72
N PHE B 384 -13.70 -6.15 -44.41
CA PHE B 384 -12.44 -6.03 -43.69
C PHE B 384 -11.60 -7.29 -43.94
N ASN B 385 -12.16 -8.45 -43.59
CA ASN B 385 -11.43 -9.69 -43.79
C ASN B 385 -10.97 -9.81 -45.24
N GLU B 386 -11.86 -9.48 -46.19
CA GLU B 386 -11.52 -9.54 -47.60
C GLU B 386 -10.19 -8.85 -47.89
N PHE B 387 -10.04 -7.59 -47.45
CA PHE B 387 -8.81 -6.86 -47.72
C PHE B 387 -7.60 -7.67 -47.28
N MET B 388 -7.58 -8.05 -46.00
CA MET B 388 -6.39 -8.72 -45.48
C MET B 388 -6.26 -10.13 -46.01
N SER B 389 -7.36 -10.71 -46.48
CA SER B 389 -7.28 -11.94 -47.25
C SER B 389 -6.19 -11.91 -48.31
N ASN B 390 -5.82 -10.73 -48.79
CA ASN B 390 -4.91 -10.60 -49.90
C ASN B 390 -3.67 -9.78 -49.53
N ILE B 391 -3.20 -9.88 -48.28
CA ILE B 391 -1.89 -9.29 -47.95
C ILE B 391 -0.73 -10.27 -47.98
N LEU B 392 -0.98 -11.56 -47.77
CA LEU B 392 0.08 -12.52 -47.52
C LEU B 392 0.49 -13.21 -48.82
N THR B 393 1.76 -13.61 -48.87
CA THR B 393 2.27 -14.37 -50.01
C THR B 393 2.95 -15.65 -49.54
PB IDP C . -6.72 6.92 31.08
O1B IDP C . -6.88 8.23 30.38
O2B IDP C . -6.49 7.12 32.70
O3B IDP C . -8.05 5.98 31.00
PA IDP C . -4.07 5.70 31.04
O1A IDP C . -3.94 6.41 32.52
O2A IDP C . -3.04 6.18 30.09
O3A IDP C . -5.58 5.95 30.45
O5' IDP C . -3.96 4.10 31.24
C5' IDP C . -4.91 3.37 32.03
C4' IDP C . -4.51 1.88 32.17
O4' IDP C . -4.25 1.24 30.89
C3' IDP C . -3.16 1.73 32.85
O3' IDP C . -3.26 2.08 34.25
C2' IDP C . -3.00 0.24 32.64
O2' IDP C . -4.05 -0.46 33.32
C1' IDP C . -3.23 0.19 31.13
N9 IDP C . -2.01 0.52 30.29
C8 IDP C . -1.73 1.73 29.82
N7 IDP C . -0.59 1.66 29.13
C5 IDP C . -0.17 0.40 29.15
C6 IDP C . 0.92 -0.19 28.62
O6 IDP C . 1.73 0.45 27.95
N1 IDP C . 1.12 -1.57 28.81
C2 IDP C . 0.27 -2.26 29.51
N3 IDP C . -0.86 -1.63 30.06
C4 IDP C . -1.05 -0.31 29.88
C2 CZU D . -3.51 21.67 16.26
C4 CZU D . -4.95 19.98 15.39
C5 CZU D . -4.15 19.86 14.32
C6 CZU D . -3.08 20.62 14.20
O6 CZU D . -2.37 20.50 13.22
C2' CZU D . -9.03 19.37 15.47
C3' CZU D . -9.76 18.37 16.37
C4' CZU D . -8.80 17.20 16.44
C5' CZU D . -8.68 16.37 15.16
C8 CZU D . -5.79 18.46 14.10
N1 CZU D . -2.73 21.55 15.19
N3 CZU D . -4.66 20.86 16.36
N7 CZU D . -4.67 18.92 13.53
N9 CZU D . -5.96 19.12 15.24
O1A CZU D . -8.72 17.42 12.85
O1B CZU D . -9.92 18.68 11.09
O1G CZU D . -14.63 17.46 9.02
O2' CZU D . -8.63 20.52 16.19
O2A CZU D . -8.77 14.94 12.52
O2B CZU D . -10.23 16.76 9.21
O2G CZU D . -12.93 15.57 8.93
O3' CZU D . -9.94 18.92 17.69
O3A CZU D . -10.85 16.41 11.96
O3B CZU D . -12.36 17.75 10.36
O3G CZU D . -14.26 16.05 11.11
O4' CZU D . -7.54 17.90 16.63
O5' CZU D . -9.89 16.07 14.47
PA CZU D . -9.59 16.08 12.96
PB CZU D . -10.72 17.36 10.54
PG CZU D . -13.56 16.67 9.95
PB IDP E . -8.90 5.60 -33.13
O1B IDP E . -8.60 7.19 -33.24
O2B IDP E . -10.07 5.32 -32.26
O3B IDP E . -9.16 5.14 -34.68
PA IDP E . -6.94 3.47 -32.92
O1A IDP E . -7.73 2.98 -34.27
O2A IDP E . -7.15 2.55 -31.77
O3A IDP E . -7.49 4.99 -32.59
O5' IDP E . -5.37 3.64 -33.29
C5' IDP E . -4.71 4.92 -33.16
C4' IDP E . -3.25 4.87 -33.69
O4' IDP E . -2.22 4.89 -32.63
C3' IDP E . -2.94 3.60 -34.47
O3' IDP E . -3.49 3.64 -35.82
C2' IDP E . -1.43 3.69 -34.48
O2' IDP E . -1.04 4.87 -35.17
C1' IDP E . -1.21 3.88 -32.99
N9 IDP E . -1.37 2.62 -32.15
C8 IDP E . -2.50 2.02 -31.74
N7 IDP E . -2.18 0.95 -31.02
C5 IDP E . -0.86 0.88 -30.94
C6 IDP E . -0.05 0.01 -30.34
O6 IDP E . -0.50 -0.95 -29.70
N1 IDP E . 1.34 0.18 -30.42
C2 IDP E . 1.84 1.19 -31.10
N3 IDP E . 0.97 2.10 -31.73
C4 IDP E . -0.36 1.91 -31.64
#